data_6UZ1
#
_entry.id   6UZ1
#
_cell.length_a   236.650
_cell.length_b   236.650
_cell.length_c   63.146
_cell.angle_alpha   90.000
_cell.angle_beta   90.000
_cell.angle_gamma   120.000
#
_symmetry.space_group_name_H-M   'P 61'
#
loop_
_entity.id
_entity.type
_entity.pdbx_description
1 polymer 'MHC class I antigen, A-2 alpha chain'
2 polymer Beta-2-microglobulin
3 polymer LEU-LEU-PHE-GLY-TYR-PRO-VAL-TYR-VAL
4 polymer 'T cell receptor, alpha chain'
5 polymer 'T cell receptor, beta chain'
6 non-polymer '2-(N-MORPHOLINO)-ETHANESULFONIC ACID'
7 water water
#
loop_
_entity_poly.entity_id
_entity_poly.type
_entity_poly.pdbx_seq_one_letter_code
_entity_poly.pdbx_strand_id
1 'polypeptide(L)'
;GSHSMRYFFTSVSRPGRGEPRFIAVGYVDDTQFVRFDSDAASQRMEPRAPWIEQEGPEYWDGETRKVKAHSQTHRVDLGT
LRGYYNQSEAGSHTVQRMYGCDVGSDWRFLRGYHQYAYDGKDYIALKEDLRSWTAADMAAQTTKHKWEAAHVAEQLRAYL
EGTCVEWLRRYLENGKETLQRTDAPKTHMTHHAVSDHEATLRCWALSFYPAEITLTWQRDGEDQTQDTELVETRPAGDGT
FQKWAAVVVPSGQEQRYTCHVQHEGLPKPLTLRWE
;
A,F
2 'polypeptide(L)'
;MIQRTPKIQVYSRHPAENGKSNFLNCYVSGFHPSDIEVDLLKNGERIEKVEHSDLSFSKDWSFYLLYYTEFTPTEKDEYA
CRVNHVTLSQPKIVKWDRDM
;
B,G
3 'polypeptide(L)' LLFGYPVYV C,H
4 'polypeptide(L)'
;EVEQNSGPLSVPEGAIASLNCTYSIRSSTSFFWYRQYSGKSPELIMSIYSNGDKEDGRFTAQLNKASQYVSLLIRDSQPS
DSATYLCAVTTDRSGKLQFGAGTQVVVTPD
;
I,D
5 'polypeptide(L)'
;AGVTQTPKFQVLKTGQSMTLQCAQDMNHEYMAWYRQDPGMGLRLIHYSVGVGITDQGDVPDGYKVSRSTTEDFPLRLLSA
APSQTSVYFCASRPGAAGGRPELYFGPGTRLTVTE
;
J,E
#
loop_
_chem_comp.id
_chem_comp.type
_chem_comp.name
_chem_comp.formula
MES non-polymer '2-(N-MORPHOLINO)-ETHANESULFONIC ACID' 'C6 H13 N O4 S'
#
# COMPACT_ATOMS: atom_id res chain seq x y z
N GLY A 1 -4.04 0.51 7.86
CA GLY A 1 -3.56 0.99 9.14
C GLY A 1 -4.67 1.54 10.01
N SER A 2 -4.44 1.57 11.31
CA SER A 2 -5.45 2.07 12.24
C SER A 2 -5.58 3.58 12.13
N HIS A 3 -6.77 4.09 12.46
CA HIS A 3 -7.07 5.51 12.39
C HIS A 3 -7.86 5.91 13.63
N SER A 4 -8.17 7.21 13.71
CA SER A 4 -8.87 7.77 14.85
C SER A 4 -9.34 9.18 14.52
N MET A 5 -10.50 9.54 15.04
CA MET A 5 -11.00 10.91 15.02
C MET A 5 -11.18 11.38 16.45
N ARG A 6 -10.76 12.62 16.73
CA ARG A 6 -10.86 13.16 18.08
C ARG A 6 -11.10 14.66 18.02
N TYR A 7 -12.02 15.14 18.85
CA TYR A 7 -12.29 16.57 19.01
C TYR A 7 -11.78 17.04 20.36
N PHE A 8 -11.30 18.28 20.41
CA PHE A 8 -10.73 18.86 21.61
C PHE A 8 -11.41 20.19 21.90
N PHE A 9 -11.79 20.40 23.16
CA PHE A 9 -12.53 21.59 23.57
C PHE A 9 -11.90 22.17 24.83
N THR A 10 -11.53 23.44 24.76
CA THR A 10 -10.90 24.13 25.88
C THR A 10 -11.68 25.40 26.18
N SER A 11 -12.11 25.55 27.43
CA SER A 11 -12.87 26.72 27.87
C SER A 11 -12.17 27.32 29.08
N VAL A 12 -11.64 28.53 28.92
CA VAL A 12 -10.94 29.24 29.98
C VAL A 12 -11.75 30.49 30.31
N SER A 13 -12.06 30.68 31.60
CA SER A 13 -12.91 31.77 32.02
C SER A 13 -12.12 33.06 32.17
N ARG A 14 -12.72 34.17 31.73
CA ARG A 14 -12.17 35.50 31.96
C ARG A 14 -13.08 36.22 32.96
N PRO A 15 -12.63 36.44 34.21
CA PRO A 15 -13.53 37.05 35.19
C PRO A 15 -13.97 38.46 34.83
N GLY A 16 -13.03 39.35 34.52
CA GLY A 16 -13.38 40.72 34.21
C GLY A 16 -13.41 41.02 32.73
N ARG A 17 -12.88 40.12 31.91
CA ARG A 17 -12.78 40.35 30.48
C ARG A 17 -14.00 39.84 29.70
N GLY A 18 -15.06 39.44 30.39
CA GLY A 18 -16.28 39.05 29.70
C GLY A 18 -16.49 37.55 29.59
N GLU A 19 -17.07 37.11 28.49
CA GLU A 19 -17.39 35.70 28.31
C GLU A 19 -16.12 34.87 28.23
N PRO A 20 -16.16 33.61 28.65
CA PRO A 20 -14.96 32.77 28.64
C PRO A 20 -14.47 32.46 27.23
N ARG A 21 -13.17 32.24 27.12
CA ARG A 21 -12.55 31.88 25.85
C ARG A 21 -12.81 30.43 25.52
N PHE A 22 -13.27 30.16 24.30
CA PHE A 22 -13.63 28.82 23.87
C PHE A 22 -12.90 28.49 22.58
N ILE A 23 -12.13 27.41 22.59
CA ILE A 23 -11.40 26.94 21.43
C ILE A 23 -11.75 25.48 21.20
N ALA A 24 -12.14 25.15 19.97
CA ALA A 24 -12.48 23.78 19.58
C ALA A 24 -11.69 23.42 18.33
N VAL A 25 -11.08 22.23 18.33
CA VAL A 25 -10.31 21.74 17.20
C VAL A 25 -10.60 20.25 17.02
N GLY A 26 -10.61 19.81 15.76
CA GLY A 26 -10.84 18.41 15.43
C GLY A 26 -9.71 17.85 14.61
N TYR A 27 -9.31 16.61 14.91
CA TYR A 27 -8.17 15.97 14.28
C TYR A 27 -8.61 14.68 13.58
N VAL A 28 -7.81 14.27 12.60
CA VAL A 28 -7.88 12.92 12.04
C VAL A 28 -6.46 12.35 12.10
N ASP A 29 -6.17 11.69 13.21
CA ASP A 29 -4.97 10.93 13.58
C ASP A 29 -3.72 11.76 13.82
N ASP A 30 -3.53 12.84 13.07
CA ASP A 30 -2.53 13.85 13.36
C ASP A 30 -2.84 15.13 12.60
N THR A 31 -3.94 15.12 11.86
CA THR A 31 -4.27 16.16 10.89
C THR A 31 -5.48 16.94 11.38
N GLN A 32 -5.26 18.19 11.77
CA GLN A 32 -6.36 19.07 12.12
C GLN A 32 -7.13 19.45 10.87
N PHE A 33 -8.46 19.33 10.93
CA PHE A 33 -9.30 19.66 9.78
C PHE A 33 -10.38 20.69 10.07
N VAL A 34 -10.73 20.93 11.35
CA VAL A 34 -11.71 21.95 11.70
C VAL A 34 -11.21 22.71 12.93
N ARG A 35 -11.69 23.94 13.07
CA ARG A 35 -11.37 24.76 14.22
C ARG A 35 -12.56 25.65 14.55
N PHE A 36 -12.57 26.15 15.78
CA PHE A 36 -13.51 27.18 16.18
C PHE A 36 -12.93 27.96 17.35
N ASP A 37 -12.96 29.28 17.26
CA ASP A 37 -12.46 30.15 18.31
C ASP A 37 -13.49 31.23 18.60
N SER A 38 -13.89 31.33 19.87
CA SER A 38 -14.88 32.33 20.25
C SER A 38 -14.37 33.75 20.01
N ASP A 39 -13.06 33.94 20.06
CA ASP A 39 -12.46 35.26 19.81
C ASP A 39 -12.13 35.48 18.35
N ALA A 40 -12.33 34.49 17.49
CA ALA A 40 -12.04 34.65 16.08
C ALA A 40 -13.10 35.51 15.41
N ALA A 41 -12.70 36.15 14.30
CA ALA A 41 -13.61 37.03 13.57
C ALA A 41 -14.78 36.28 12.96
N SER A 42 -14.63 34.97 12.72
CA SER A 42 -15.70 34.14 12.21
C SER A 42 -16.29 33.30 13.33
N GLN A 43 -17.60 33.38 13.51
CA GLN A 43 -18.31 32.55 14.48
C GLN A 43 -18.82 31.25 13.88
N ARG A 44 -18.17 30.76 12.84
CA ARG A 44 -18.52 29.50 12.20
C ARG A 44 -17.39 28.50 12.36
N MET A 45 -17.66 27.25 12.03
CA MET A 45 -16.65 26.20 12.04
C MET A 45 -15.78 26.34 10.80
N GLU A 46 -14.50 26.67 10.98
CA GLU A 46 -13.63 26.87 9.84
C GLU A 46 -12.86 25.60 9.50
N PRO A 47 -12.64 25.34 8.22
CA PRO A 47 -11.88 24.14 7.82
C PRO A 47 -10.37 24.36 7.87
N ARG A 48 -9.66 23.27 8.10
CA ARG A 48 -8.20 23.27 8.12
C ARG A 48 -7.60 22.26 7.15
N ALA A 49 -8.42 21.55 6.39
CA ALA A 49 -7.95 20.55 5.44
C ALA A 49 -8.75 20.69 4.14
N PRO A 50 -8.15 20.34 3.01
CA PRO A 50 -8.90 20.45 1.74
C PRO A 50 -10.00 19.42 1.59
N TRP A 51 -9.85 18.23 2.19
CA TRP A 51 -10.85 17.19 2.01
C TRP A 51 -12.11 17.43 2.84
N ILE A 52 -12.05 18.27 3.87
CA ILE A 52 -13.26 18.59 4.61
C ILE A 52 -14.07 19.68 3.93
N GLU A 53 -13.45 20.46 3.03
CA GLU A 53 -14.15 21.55 2.37
C GLU A 53 -15.14 21.08 1.32
N GLN A 54 -15.06 19.82 0.88
CA GLN A 54 -15.99 19.32 -0.13
C GLN A 54 -17.35 18.97 0.44
N GLU A 55 -17.60 19.29 1.71
CA GLU A 55 -18.92 19.12 2.30
C GLU A 55 -19.80 20.30 1.96
N GLY A 56 -21.10 20.01 1.77
CA GLY A 56 -22.06 21.03 1.40
C GLY A 56 -22.32 22.03 2.50
N PRO A 57 -23.10 23.07 2.18
CA PRO A 57 -23.40 24.08 3.21
C PRO A 57 -24.23 23.52 4.36
N GLU A 58 -24.97 22.43 4.12
CA GLU A 58 -25.73 21.82 5.21
C GLU A 58 -24.83 21.26 6.30
N TYR A 59 -23.64 20.76 5.92
CA TYR A 59 -22.71 20.25 6.90
C TYR A 59 -22.22 21.36 7.82
N TRP A 60 -21.76 22.47 7.25
CA TRP A 60 -21.18 23.54 8.05
C TRP A 60 -22.24 24.26 8.87
N ASP A 61 -23.43 24.47 8.30
CA ASP A 61 -24.51 25.06 9.08
C ASP A 61 -24.87 24.20 10.27
N GLY A 62 -24.69 22.89 10.17
CA GLY A 62 -24.95 22.00 11.28
C GLY A 62 -23.83 21.99 12.29
N GLU A 63 -22.59 21.93 11.81
CA GLU A 63 -21.45 21.89 12.72
C GLU A 63 -21.24 23.22 13.43
N THR A 64 -21.74 24.33 12.86
CA THR A 64 -21.67 25.60 13.57
C THR A 64 -22.61 25.61 14.77
N ARG A 65 -23.83 25.10 14.60
CA ARG A 65 -24.76 25.01 15.71
C ARG A 65 -24.22 24.13 16.83
N LYS A 66 -23.63 22.99 16.46
CA LYS A 66 -23.13 22.06 17.47
C LYS A 66 -21.97 22.64 18.25
N VAL A 67 -21.04 23.31 17.57
CA VAL A 67 -19.89 23.87 18.27
C VAL A 67 -20.30 25.08 19.11
N LYS A 68 -21.34 25.80 18.68
CA LYS A 68 -21.90 26.84 19.53
C LYS A 68 -22.59 26.24 20.75
N ALA A 69 -23.16 25.06 20.61
CA ALA A 69 -23.80 24.39 21.75
C ALA A 69 -22.75 23.95 22.77
N HIS A 70 -21.60 23.45 22.31
CA HIS A 70 -20.54 23.07 23.23
C HIS A 70 -20.06 24.27 24.03
N SER A 71 -19.98 25.45 23.40
CA SER A 71 -19.52 26.64 24.11
C SER A 71 -20.52 27.07 25.17
N GLN A 72 -21.80 26.90 24.89
CA GLN A 72 -22.82 27.28 25.86
C GLN A 72 -22.78 26.37 27.09
N THR A 73 -22.57 25.07 26.88
CA THR A 73 -22.47 24.15 28.01
C THR A 73 -21.22 24.43 28.85
N HIS A 74 -20.07 24.61 28.19
CA HIS A 74 -18.86 24.92 28.92
C HIS A 74 -18.96 26.26 29.64
N ARG A 75 -19.71 27.21 29.08
CA ARG A 75 -19.97 28.45 29.79
C ARG A 75 -20.76 28.19 31.06
N VAL A 76 -21.71 27.24 31.01
CA VAL A 76 -22.48 26.88 32.20
C VAL A 76 -21.65 26.00 33.12
N ASP A 77 -20.89 25.05 32.56
CA ASP A 77 -20.07 24.16 33.38
C ASP A 77 -19.06 24.93 34.21
N LEU A 78 -18.57 26.06 33.71
CA LEU A 78 -17.66 26.88 34.48
C LEU A 78 -18.33 27.38 35.76
N GLY A 79 -19.58 27.84 35.66
CA GLY A 79 -20.28 28.29 36.85
C GLY A 79 -20.71 27.15 37.74
N THR A 80 -21.12 26.03 37.13
CA THR A 80 -21.53 24.87 37.91
C THR A 80 -20.37 24.32 38.72
N LEU A 81 -19.22 24.11 38.07
CA LEU A 81 -18.06 23.58 38.77
C LEU A 81 -17.52 24.57 39.80
N ARG A 82 -17.67 25.87 39.54
CA ARG A 82 -17.25 26.86 40.53
C ARG A 82 -18.08 26.73 41.80
N GLY A 83 -19.36 26.39 41.66
CA GLY A 83 -20.19 26.16 42.83
C GLY A 83 -19.94 24.82 43.49
N TYR A 84 -19.61 23.79 42.70
CA TYR A 84 -19.35 22.47 43.27
C TYR A 84 -18.20 22.51 44.26
N TYR A 85 -17.12 23.22 43.91
CA TYR A 85 -15.93 23.29 44.75
C TYR A 85 -15.90 24.53 45.62
N ASN A 86 -17.01 25.26 45.69
CA ASN A 86 -17.13 26.46 46.52
C ASN A 86 -15.98 27.44 46.23
N GLN A 87 -15.79 27.72 44.96
CA GLN A 87 -14.72 28.60 44.51
C GLN A 87 -15.25 29.99 44.22
N SER A 88 -14.38 30.98 44.42
CA SER A 88 -14.75 32.36 44.12
C SER A 88 -14.62 32.63 42.63
N GLU A 89 -15.33 33.66 42.18
CA GLU A 89 -15.23 34.14 40.80
C GLU A 89 -14.09 35.14 40.63
N ALA A 90 -13.18 35.22 41.59
CA ALA A 90 -12.05 36.15 41.52
C ALA A 90 -10.94 35.66 40.61
N GLY A 91 -10.96 34.40 40.19
CA GLY A 91 -9.91 33.86 39.35
C GLY A 91 -10.48 33.11 38.16
N SER A 92 -9.58 32.73 37.26
CA SER A 92 -9.92 32.01 36.05
C SER A 92 -9.81 30.50 36.29
N HIS A 93 -10.57 29.74 35.52
CA HIS A 93 -10.56 28.29 35.60
C HIS A 93 -10.64 27.70 34.21
N THR A 94 -10.29 26.42 34.10
CA THR A 94 -10.19 25.75 32.81
C THR A 94 -11.07 24.52 32.80
N VAL A 95 -11.89 24.40 31.76
CA VAL A 95 -12.71 23.20 31.51
C VAL A 95 -12.31 22.66 30.15
N GLN A 96 -11.87 21.40 30.12
CA GLN A 96 -11.40 20.76 28.90
C GLN A 96 -12.22 19.51 28.65
N ARG A 97 -12.68 19.33 27.42
CA ARG A 97 -13.40 18.13 27.01
C ARG A 97 -12.72 17.53 25.79
N MET A 98 -12.63 16.20 25.78
CA MET A 98 -12.11 15.47 24.63
C MET A 98 -12.95 14.22 24.43
N TYR A 99 -13.33 13.94 23.19
CA TYR A 99 -13.98 12.69 22.86
C TYR A 99 -13.64 12.30 21.43
N GLY A 100 -13.84 11.02 21.14
CA GLY A 100 -13.54 10.49 19.83
C GLY A 100 -13.52 8.98 19.86
N CYS A 101 -13.20 8.41 18.70
CA CYS A 101 -13.18 6.96 18.54
C CYS A 101 -11.91 6.54 17.80
N ASP A 102 -11.53 5.28 18.03
CA ASP A 102 -10.40 4.66 17.33
C ASP A 102 -10.91 3.50 16.48
N VAL A 103 -10.29 3.31 15.33
CA VAL A 103 -10.58 2.15 14.49
C VAL A 103 -9.28 1.38 14.29
N GLY A 104 -9.41 0.07 14.14
CA GLY A 104 -8.28 -0.78 13.89
C GLY A 104 -7.89 -0.80 12.42
N SER A 105 -6.95 -1.68 12.09
CA SER A 105 -6.52 -1.81 10.70
C SER A 105 -7.67 -2.22 9.79
N ASP A 106 -8.64 -2.97 10.32
CA ASP A 106 -9.83 -3.37 9.57
C ASP A 106 -10.89 -2.29 9.53
N TRP A 107 -10.59 -1.10 10.05
CA TRP A 107 -11.50 0.05 10.11
C TRP A 107 -12.74 -0.22 10.96
N ARG A 108 -12.77 -1.32 11.70
CA ARG A 108 -13.85 -1.54 12.65
C ARG A 108 -13.62 -0.71 13.91
N PHE A 109 -14.71 -0.46 14.64
CA PHE A 109 -14.61 0.27 15.90
C PHE A 109 -13.65 -0.45 16.85
N LEU A 110 -12.79 0.32 17.49
CA LEU A 110 -11.78 -0.24 18.39
C LEU A 110 -11.94 0.25 19.83
N ARG A 111 -12.09 1.56 20.02
CA ARG A 111 -12.31 2.09 21.36
C ARG A 111 -12.94 3.47 21.23
N GLY A 112 -13.71 3.85 22.25
CA GLY A 112 -14.34 5.16 22.31
C GLY A 112 -13.87 5.93 23.53
N TYR A 113 -13.95 7.26 23.44
CA TYR A 113 -13.48 8.13 24.51
C TYR A 113 -14.46 9.27 24.73
N HIS A 114 -14.60 9.67 25.99
CA HIS A 114 -15.30 10.91 26.35
C HIS A 114 -14.85 11.30 27.74
N GLN A 115 -14.15 12.43 27.86
CA GLN A 115 -13.50 12.80 29.10
C GLN A 115 -13.64 14.30 29.34
N TYR A 116 -13.72 14.65 30.62
CA TYR A 116 -13.74 16.02 31.08
C TYR A 116 -12.55 16.27 31.99
N ALA A 117 -12.20 17.55 32.16
CA ALA A 117 -11.16 17.94 33.10
C ALA A 117 -11.42 19.35 33.60
N TYR A 118 -11.18 19.55 34.89
CA TYR A 118 -11.35 20.86 35.52
C TYR A 118 -10.04 21.24 36.19
N ASP A 119 -9.49 22.39 35.79
CA ASP A 119 -8.24 22.90 36.34
C ASP A 119 -7.10 21.89 36.19
N GLY A 120 -7.07 21.19 35.06
CA GLY A 120 -5.94 20.36 34.69
C GLY A 120 -5.95 18.94 35.21
N LYS A 121 -6.93 18.55 36.01
CA LYS A 121 -7.03 17.19 36.50
C LYS A 121 -8.29 16.52 35.94
N ASP A 122 -8.27 15.20 35.91
CA ASP A 122 -9.43 14.43 35.45
C ASP A 122 -10.64 14.73 36.34
N TYR A 123 -11.78 15.02 35.70
CA TYR A 123 -13.03 15.22 36.42
C TYR A 123 -13.98 14.04 36.24
N ILE A 124 -14.31 13.68 35.00
CA ILE A 124 -15.18 12.55 34.74
C ILE A 124 -14.83 11.99 33.36
N ALA A 125 -14.93 10.67 33.22
CA ALA A 125 -14.53 10.00 31.99
C ALA A 125 -15.44 8.81 31.74
N LEU A 126 -15.77 8.58 30.47
CA LEU A 126 -16.56 7.42 30.09
C LEU A 126 -15.66 6.19 30.02
N LYS A 127 -16.07 5.12 30.68
CA LYS A 127 -15.23 3.94 30.77
C LYS A 127 -15.23 3.18 29.45
N GLU A 128 -14.37 2.15 29.38
CA GLU A 128 -14.15 1.46 28.11
C GLU A 128 -15.41 0.77 27.63
N ASP A 129 -16.18 0.18 28.54
CA ASP A 129 -17.41 -0.51 28.14
C ASP A 129 -18.47 0.44 27.60
N LEU A 130 -18.23 1.75 27.64
CA LEU A 130 -19.15 2.78 27.14
C LEU A 130 -20.50 2.76 27.85
N ARG A 131 -20.55 2.23 29.07
CA ARG A 131 -21.79 2.16 29.83
C ARG A 131 -21.70 2.78 31.21
N SER A 132 -20.51 2.94 31.79
CA SER A 132 -20.35 3.48 33.12
C SER A 132 -19.38 4.66 33.08
N TRP A 133 -19.34 5.40 34.18
CA TRP A 133 -18.49 6.58 34.30
C TRP A 133 -17.49 6.40 35.44
N THR A 134 -16.46 7.25 35.42
CA THR A 134 -15.46 7.32 36.49
C THR A 134 -15.53 8.71 37.09
N ALA A 135 -15.97 8.80 38.33
CA ALA A 135 -16.11 10.06 39.04
C ALA A 135 -14.99 10.18 40.06
N ALA A 136 -14.20 11.25 39.95
CA ALA A 136 -13.07 11.44 40.86
C ALA A 136 -13.55 11.66 42.29
N ASP A 137 -14.31 12.74 42.51
CA ASP A 137 -14.72 13.11 43.85
C ASP A 137 -16.23 13.29 43.93
N MET A 138 -16.71 13.85 45.06
CA MET A 138 -18.14 14.04 45.23
C MET A 138 -18.72 14.95 44.15
N ALA A 139 -17.99 16.00 43.80
CA ALA A 139 -18.46 16.88 42.72
C ALA A 139 -18.66 16.11 41.43
N ALA A 140 -17.77 15.15 41.14
CA ALA A 140 -17.89 14.37 39.92
C ALA A 140 -19.05 13.38 40.00
N GLN A 141 -19.28 12.81 41.18
CA GLN A 141 -20.39 11.88 41.35
C GLN A 141 -21.73 12.57 41.17
N THR A 142 -21.82 13.84 41.56
CA THR A 142 -23.01 14.63 41.26
C THR A 142 -23.27 14.69 39.76
N THR A 143 -22.20 14.94 38.99
CA THR A 143 -22.33 14.91 37.54
C THR A 143 -22.66 13.51 37.03
N LYS A 144 -22.04 12.49 37.64
CA LYS A 144 -22.32 11.11 37.26
C LYS A 144 -23.80 10.79 37.40
N HIS A 145 -24.40 11.17 38.54
CA HIS A 145 -25.82 10.92 38.76
C HIS A 145 -26.68 11.68 37.77
N LYS A 146 -26.28 12.92 37.45
CA LYS A 146 -27.05 13.72 36.50
C LYS A 146 -26.99 13.11 35.10
N TRP A 147 -25.84 12.59 34.70
CA TRP A 147 -25.71 11.99 33.37
C TRP A 147 -26.35 10.61 33.31
N GLU A 148 -26.42 9.90 34.44
CA GLU A 148 -27.12 8.62 34.43
C GLU A 148 -28.60 8.81 34.19
N ALA A 149 -29.20 9.82 34.81
CA ALA A 149 -30.63 10.08 34.63
C ALA A 149 -30.93 10.58 33.22
N ALA A 150 -30.05 11.42 32.67
CA ALA A 150 -30.23 11.93 31.32
C ALA A 150 -29.88 10.91 30.24
N HIS A 151 -29.42 9.71 30.64
CA HIS A 151 -29.04 8.66 29.69
C HIS A 151 -27.96 9.16 28.72
N VAL A 152 -26.93 9.78 29.28
CA VAL A 152 -25.85 10.33 28.46
C VAL A 152 -24.94 9.22 27.95
N ALA A 153 -24.67 8.21 28.77
CA ALA A 153 -23.81 7.11 28.33
C ALA A 153 -24.40 6.42 27.11
N GLU A 154 -25.73 6.24 27.08
CA GLU A 154 -26.36 5.57 25.96
C GLU A 154 -26.30 6.40 24.68
N GLN A 155 -26.35 7.73 24.80
CA GLN A 155 -26.28 8.58 23.62
C GLN A 155 -24.87 8.57 23.02
N LEU A 156 -23.85 8.53 23.88
CA LEU A 156 -22.47 8.49 23.39
C LEU A 156 -22.17 7.18 22.69
N ARG A 157 -22.60 6.06 23.28
CA ARG A 157 -22.34 4.75 22.68
C ARG A 157 -22.93 4.65 21.28
N ALA A 158 -24.06 5.32 21.03
CA ALA A 158 -24.63 5.31 19.69
C ALA A 158 -23.82 6.18 18.74
N TYR A 159 -23.16 7.21 19.25
CA TYR A 159 -22.34 8.11 18.46
C TYR A 159 -20.92 7.57 18.28
N LEU A 160 -20.29 7.15 19.38
CA LEU A 160 -18.91 6.68 19.32
C LEU A 160 -18.79 5.42 18.48
N GLU A 161 -19.72 4.48 18.64
CA GLU A 161 -19.68 3.24 17.88
C GLU A 161 -20.35 3.34 16.52
N GLY A 162 -21.21 4.33 16.31
CA GLY A 162 -21.97 4.37 15.07
C GLY A 162 -21.76 5.58 14.17
N THR A 163 -21.50 6.74 14.74
CA THR A 163 -21.38 7.98 13.97
C THR A 163 -19.95 8.47 13.87
N CYS A 164 -19.22 8.50 14.99
CA CYS A 164 -17.81 8.81 14.95
C CYS A 164 -17.06 7.89 14.00
N VAL A 165 -17.43 6.61 13.97
CA VAL A 165 -16.73 5.64 13.12
C VAL A 165 -17.15 5.82 11.66
N GLU A 166 -18.46 5.89 11.40
CA GLU A 166 -18.93 6.02 10.02
C GLU A 166 -18.41 7.28 9.37
N TRP A 167 -18.36 8.39 10.11
CA TRP A 167 -17.87 9.64 9.54
C TRP A 167 -16.35 9.69 9.46
N LEU A 168 -15.65 8.92 10.30
CA LEU A 168 -14.22 8.77 10.12
C LEU A 168 -13.91 8.09 8.79
N ARG A 169 -14.65 7.03 8.47
CA ARG A 169 -14.46 6.36 7.19
C ARG A 169 -14.75 7.29 6.02
N ARG A 170 -15.78 8.14 6.15
CA ARG A 170 -16.08 9.11 5.10
C ARG A 170 -14.92 10.09 4.94
N TYR A 171 -14.33 10.53 6.05
CA TYR A 171 -13.21 11.46 5.97
C TYR A 171 -11.98 10.80 5.37
N LEU A 172 -11.76 9.52 5.68
CA LEU A 172 -10.61 8.81 5.13
C LEU A 172 -10.72 8.67 3.62
N GLU A 173 -11.91 8.34 3.12
CA GLU A 173 -12.10 8.19 1.68
C GLU A 173 -11.97 9.53 0.97
N ASN A 174 -12.51 10.60 1.57
CA ASN A 174 -12.41 11.92 0.96
C ASN A 174 -10.99 12.46 0.99
N GLY A 175 -10.14 11.95 1.88
CA GLY A 175 -8.77 12.40 1.95
C GLY A 175 -7.78 11.25 1.84
N LYS A 176 -8.11 10.26 1.01
CA LYS A 176 -7.22 9.11 0.85
C LYS A 176 -5.87 9.52 0.28
N GLU A 177 -5.83 10.60 -0.50
CA GLU A 177 -4.56 11.09 -1.01
C GLU A 177 -3.67 11.62 0.11
N THR A 178 -4.28 12.04 1.22
CA THR A 178 -3.55 12.64 2.34
C THR A 178 -3.55 11.78 3.58
N LEU A 179 -4.74 11.38 4.06
CA LEU A 179 -4.82 10.69 5.35
C LEU A 179 -4.37 9.25 5.26
N GLN A 180 -4.59 8.59 4.13
CA GLN A 180 -4.20 7.18 3.97
C GLN A 180 -2.80 7.01 3.43
N ARG A 181 -2.07 8.10 3.19
CA ARG A 181 -0.69 8.02 2.74
C ARG A 181 0.24 8.10 3.94
N THR A 182 1.31 7.30 3.91
CA THR A 182 2.28 7.25 4.99
C THR A 182 3.62 7.72 4.46
N ASP A 183 4.16 8.78 5.06
CA ASP A 183 5.43 9.36 4.65
C ASP A 183 6.51 8.90 5.60
N ALA A 184 7.39 8.02 5.12
CA ALA A 184 8.44 7.47 5.95
C ALA A 184 9.45 8.56 6.33
N PRO A 185 10.09 8.44 7.49
CA PRO A 185 11.03 9.47 7.91
C PRO A 185 12.33 9.41 7.12
N LYS A 186 12.98 10.57 7.00
CA LYS A 186 14.29 10.68 6.36
C LYS A 186 15.33 10.75 7.47
N THR A 187 16.14 9.69 7.60
CA THR A 187 17.03 9.53 8.73
C THR A 187 18.45 9.92 8.37
N HIS A 188 19.15 10.52 9.33
CA HIS A 188 20.56 10.84 9.19
C HIS A 188 21.15 11.09 10.57
N MET A 189 22.47 11.03 10.65
CA MET A 189 23.20 11.22 11.90
C MET A 189 24.06 12.47 11.82
N THR A 190 24.40 13.02 12.98
CA THR A 190 25.36 14.11 13.10
C THR A 190 26.34 13.79 14.21
N HIS A 191 27.60 14.16 14.01
CA HIS A 191 28.66 13.94 14.99
C HIS A 191 29.21 15.29 15.41
N HIS A 192 29.22 15.55 16.72
CA HIS A 192 29.71 16.80 17.27
C HIS A 192 30.65 16.51 18.43
N ALA A 193 31.80 17.17 18.42
CA ALA A 193 32.77 17.00 19.50
C ALA A 193 32.39 17.88 20.68
N VAL A 194 32.35 17.27 21.86
CA VAL A 194 32.05 17.99 23.09
C VAL A 194 33.25 18.09 24.03
N SER A 195 34.24 17.21 23.89
CA SER A 195 35.44 17.24 24.72
C SER A 195 36.58 16.63 23.94
N ASP A 196 37.71 16.41 24.61
CA ASP A 196 38.85 15.74 23.99
C ASP A 196 38.69 14.22 23.97
N HIS A 197 37.73 13.67 24.70
CA HIS A 197 37.52 12.23 24.73
C HIS A 197 36.05 11.84 24.68
N GLU A 198 35.14 12.78 24.38
CA GLU A 198 33.72 12.47 24.27
C GLU A 198 33.14 13.20 23.07
N ALA A 199 32.11 12.60 22.48
CA ALA A 199 31.43 13.17 21.32
C ALA A 199 29.93 12.91 21.46
N THR A 200 29.17 13.53 20.57
CA THR A 200 27.71 13.48 20.60
C THR A 200 27.19 12.98 19.27
N LEU A 201 26.61 11.78 19.26
CA LEU A 201 25.92 11.25 18.10
C LEU A 201 24.43 11.55 18.25
N ARG A 202 23.88 12.30 17.30
CA ARG A 202 22.48 12.68 17.31
C ARG A 202 21.77 12.05 16.12
N CYS A 203 20.83 11.15 16.42
CA CYS A 203 20.10 10.42 15.39
C CYS A 203 18.83 11.18 15.03
N TRP A 204 18.69 11.55 13.75
CA TRP A 204 17.63 12.42 13.29
C TRP A 204 16.57 11.65 12.51
N ALA A 205 15.37 12.21 12.50
CA ALA A 205 14.25 11.66 11.74
C ALA A 205 13.33 12.82 11.42
N LEU A 206 13.24 13.18 10.14
CA LEU A 206 12.47 14.35 9.72
C LEU A 206 11.49 13.98 8.62
N SER A 207 10.44 14.80 8.52
CA SER A 207 9.46 14.73 7.43
C SER A 207 8.75 13.37 7.40
N PHE A 208 8.13 13.01 8.52
CA PHE A 208 7.38 11.77 8.60
C PHE A 208 5.96 12.04 9.10
N TYR A 209 5.05 11.13 8.73
CA TYR A 209 3.66 11.18 9.11
C TYR A 209 3.17 9.73 9.12
N PRO A 210 2.41 9.31 10.14
CA PRO A 210 2.01 10.11 11.30
C PRO A 210 3.14 10.34 12.30
N ALA A 211 2.83 11.01 13.42
CA ALA A 211 3.83 11.41 14.39
C ALA A 211 4.31 10.25 15.27
N GLU A 212 3.70 9.07 15.16
CA GLU A 212 4.11 7.94 15.96
C GLU A 212 5.43 7.36 15.42
N ILE A 213 6.48 7.45 16.22
CA ILE A 213 7.80 6.98 15.82
C ILE A 213 8.56 6.56 17.07
N THR A 214 9.64 5.80 16.88
CA THR A 214 10.43 5.27 17.99
C THR A 214 11.90 5.35 17.64
N LEU A 215 12.67 6.11 18.43
CA LEU A 215 14.11 6.23 18.25
C LEU A 215 14.82 5.59 19.43
N THR A 216 15.74 4.67 19.15
CA THR A 216 16.43 3.91 20.17
C THR A 216 17.91 3.84 19.86
N TRP A 217 18.73 4.03 20.88
CA TRP A 217 20.18 3.89 20.78
C TRP A 217 20.61 2.62 21.50
N GLN A 218 21.40 1.80 20.82
CA GLN A 218 21.95 0.58 21.41
C GLN A 218 23.47 0.64 21.44
N ARG A 219 24.05 -0.04 22.43
CA ARG A 219 25.50 -0.18 22.54
C ARG A 219 25.80 -1.66 22.68
N ASP A 220 26.38 -2.26 21.63
CA ASP A 220 26.64 -3.70 21.58
C ASP A 220 25.36 -4.52 21.73
N GLY A 221 24.24 -3.97 21.26
CA GLY A 221 22.96 -4.62 21.34
C GLY A 221 22.13 -4.26 22.55
N GLU A 222 22.75 -3.71 23.60
CA GLU A 222 22.02 -3.34 24.80
C GLU A 222 21.37 -1.98 24.61
N ASP A 223 20.10 -1.87 24.98
CA ASP A 223 19.37 -0.63 24.83
C ASP A 223 19.92 0.42 25.79
N GLN A 224 20.39 1.53 25.23
CA GLN A 224 20.85 2.68 26.02
C GLN A 224 19.64 3.56 26.28
N THR A 225 19.08 3.45 27.47
CA THR A 225 17.84 4.14 27.82
C THR A 225 18.04 5.23 28.86
N GLN A 226 18.67 4.90 29.99
CA GLN A 226 18.91 5.89 31.03
C GLN A 226 19.76 7.04 30.52
N ASP A 227 20.83 6.73 29.80
CA ASP A 227 21.70 7.76 29.22
C ASP A 227 21.38 7.87 27.73
N THR A 228 20.32 8.61 27.43
CA THR A 228 19.91 8.86 26.05
C THR A 228 19.00 10.07 26.06
N GLU A 229 19.42 11.15 25.43
CA GLU A 229 18.62 12.36 25.37
C GLU A 229 17.60 12.24 24.25
N LEU A 230 16.33 12.26 24.61
CA LEU A 230 15.23 12.14 23.66
C LEU A 230 14.31 13.36 23.78
N VAL A 231 13.93 13.92 22.64
CA VAL A 231 13.08 15.10 22.62
C VAL A 231 11.70 14.71 22.11
N GLU A 232 10.70 15.49 22.52
CA GLU A 232 9.33 15.20 22.13
C GLU A 232 9.17 15.40 20.63
N THR A 233 8.39 14.52 20.01
CA THR A 233 8.06 14.66 18.60
C THR A 233 7.42 16.01 18.34
N ARG A 234 8.07 16.81 17.52
CA ARG A 234 7.63 18.18 17.29
C ARG A 234 7.10 18.33 15.86
N PRO A 235 6.21 19.30 15.63
CA PRO A 235 5.72 19.52 14.26
C PRO A 235 6.64 20.44 13.48
N ALA A 236 6.62 20.26 12.15
CA ALA A 236 7.42 21.09 11.27
C ALA A 236 6.65 22.29 10.74
N GLY A 237 5.33 22.26 10.77
CA GLY A 237 4.52 23.34 10.26
C GLY A 237 3.91 23.10 8.90
N ASP A 238 4.21 21.97 8.27
CA ASP A 238 3.64 21.63 6.97
C ASP A 238 2.82 20.35 6.99
N GLY A 239 2.71 19.69 8.14
CA GLY A 239 1.98 18.44 8.26
C GLY A 239 2.82 17.27 8.72
N THR A 240 4.14 17.33 8.54
CA THR A 240 5.04 16.28 8.97
C THR A 240 5.64 16.61 10.33
N PHE A 241 6.40 15.66 10.87
CA PHE A 241 6.92 15.76 12.22
C PHE A 241 8.40 15.44 12.24
N GLN A 242 9.05 15.85 13.34
CA GLN A 242 10.48 15.70 13.51
C GLN A 242 10.76 15.14 14.90
N LYS A 243 11.91 14.47 15.03
CA LYS A 243 12.34 13.93 16.32
C LYS A 243 13.79 13.51 16.22
N TRP A 244 14.56 13.73 17.28
CA TRP A 244 15.94 13.28 17.30
C TRP A 244 16.31 12.71 18.66
N ALA A 245 17.23 11.75 18.65
CA ALA A 245 17.76 11.12 19.85
C ALA A 245 19.28 11.24 19.84
N ALA A 246 19.85 11.48 21.01
CA ALA A 246 21.28 11.73 21.13
C ALA A 246 21.87 10.96 22.30
N VAL A 247 23.13 10.53 22.12
CA VAL A 247 23.91 9.86 23.16
C VAL A 247 25.31 10.43 23.15
N VAL A 248 25.93 10.48 24.33
CA VAL A 248 27.30 10.96 24.47
C VAL A 248 28.23 9.74 24.37
N VAL A 249 28.87 9.61 23.23
CA VAL A 249 29.74 8.47 22.93
C VAL A 249 31.18 8.84 23.26
N PRO A 250 31.89 8.03 24.04
CA PRO A 250 33.32 8.29 24.25
C PRO A 250 34.08 8.17 22.95
N SER A 251 35.15 8.95 22.82
CA SER A 251 35.92 8.99 21.59
C SER A 251 36.48 7.61 21.26
N GLY A 252 36.15 7.12 20.06
CA GLY A 252 36.62 5.84 19.60
C GLY A 252 35.58 4.73 19.62
N GLN A 253 34.48 4.92 20.34
CA GLN A 253 33.45 3.89 20.47
C GLN A 253 32.26 4.13 19.55
N GLU A 254 32.34 5.11 18.65
CA GLU A 254 31.22 5.39 17.77
C GLU A 254 30.82 4.18 16.94
N GLN A 255 31.76 3.27 16.67
CA GLN A 255 31.51 2.13 15.80
C GLN A 255 30.60 1.08 16.45
N ARG A 256 30.37 1.15 17.77
CA ARG A 256 29.56 0.14 18.44
C ARG A 256 28.23 0.70 18.95
N TYR A 257 27.91 1.94 18.61
CA TYR A 257 26.60 2.52 18.90
C TYR A 257 25.75 2.46 17.64
N THR A 258 24.50 2.02 17.79
CA THR A 258 23.57 1.88 16.66
C THR A 258 22.26 2.57 16.99
N CYS A 259 21.72 3.30 16.02
CA CYS A 259 20.41 3.94 16.15
C CYS A 259 19.36 3.11 15.44
N HIS A 260 18.20 2.94 16.08
CA HIS A 260 17.11 2.16 15.55
C HIS A 260 15.89 3.04 15.39
N VAL A 261 15.29 3.00 14.20
CA VAL A 261 14.14 3.83 13.87
C VAL A 261 12.99 2.91 13.49
N GLN A 262 11.85 3.06 14.17
CA GLN A 262 10.65 2.31 13.88
C GLN A 262 9.55 3.29 13.48
N HIS A 263 8.86 3.00 12.37
CA HIS A 263 7.81 3.88 11.88
C HIS A 263 6.90 3.08 10.96
N GLU A 264 5.66 3.53 10.85
CA GLU A 264 4.67 2.84 10.04
C GLU A 264 5.05 2.85 8.56
N GLY A 265 5.70 3.91 8.10
CA GLY A 265 6.13 4.01 6.71
C GLY A 265 7.38 3.25 6.35
N LEU A 266 7.99 2.57 7.31
CA LEU A 266 9.19 1.80 7.02
C LEU A 266 8.83 0.34 6.86
N PRO A 267 9.23 -0.31 5.76
CA PRO A 267 8.95 -1.75 5.62
C PRO A 267 9.63 -2.58 6.70
N LYS A 268 10.88 -2.25 7.01
CA LYS A 268 11.63 -2.86 8.10
C LYS A 268 12.26 -1.75 8.92
N PRO A 269 12.41 -1.98 10.23
CA PRO A 269 13.03 -0.94 11.08
C PRO A 269 14.48 -0.67 10.67
N LEU A 270 14.80 0.60 10.51
CA LEU A 270 16.13 1.01 10.10
C LEU A 270 17.13 0.87 11.25
N THR A 271 18.36 0.50 10.90
CA THR A 271 19.47 0.44 11.83
C THR A 271 20.59 1.32 11.28
N LEU A 272 20.84 2.44 11.93
CA LEU A 272 21.84 3.40 11.50
C LEU A 272 23.11 3.25 12.35
N ARG A 273 24.25 3.48 11.70
CA ARG A 273 25.55 3.45 12.37
C ARG A 273 26.37 4.65 11.93
N TRP A 274 27.26 5.06 12.81
CA TRP A 274 28.37 5.93 12.42
C TRP A 274 29.56 5.04 12.05
N GLU A 275 30.26 5.43 10.98
CA GLU A 275 31.31 4.61 10.37
C GLU A 275 30.94 3.11 10.37
N MET B 1 -4.02 24.88 42.63
CA MET B 1 -4.40 24.51 41.27
C MET B 1 -3.18 23.92 40.54
N ILE B 2 -3.43 22.92 39.70
CA ILE B 2 -2.35 22.24 38.99
C ILE B 2 -1.67 23.20 38.02
N GLN B 3 -0.34 23.20 38.04
CA GLN B 3 0.48 24.02 37.14
C GLN B 3 1.62 23.18 36.62
N ARG B 4 1.87 23.25 35.31
CA ARG B 4 2.89 22.45 34.66
C ARG B 4 3.83 23.35 33.86
N THR B 5 5.13 23.12 33.99
CA THR B 5 6.11 23.97 33.33
C THR B 5 6.14 23.67 31.83
N PRO B 6 6.19 24.69 30.98
CA PRO B 6 6.22 24.42 29.53
C PRO B 6 7.58 23.89 29.09
N LYS B 7 7.54 23.04 28.06
CA LYS B 7 8.75 22.52 27.42
C LYS B 7 8.96 23.24 26.09
N ILE B 8 10.16 23.78 25.91
CA ILE B 8 10.46 24.66 24.79
C ILE B 8 11.43 23.97 23.83
N GLN B 9 11.15 24.09 22.54
CA GLN B 9 12.03 23.58 21.50
C GLN B 9 12.12 24.62 20.39
N VAL B 10 13.31 25.16 20.15
CA VAL B 10 13.55 26.12 19.08
C VAL B 10 14.24 25.39 17.93
N TYR B 11 13.67 25.48 16.75
CA TYR B 11 14.17 24.73 15.59
C TYR B 11 13.65 25.37 14.32
N SER B 12 13.96 24.75 13.19
CA SER B 12 13.57 25.25 11.88
C SER B 12 12.88 24.16 11.08
N ARG B 13 11.96 24.57 10.21
CA ARG B 13 11.19 23.60 9.42
C ARG B 13 12.11 22.80 8.50
N HIS B 14 13.03 23.47 7.83
CA HIS B 14 14.00 22.84 6.94
C HIS B 14 15.41 23.00 7.50
N PRO B 15 16.34 22.14 7.09
CA PRO B 15 17.74 22.32 7.49
C PRO B 15 18.26 23.69 7.11
N ALA B 16 18.80 24.40 8.10
CA ALA B 16 19.19 25.79 7.94
C ALA B 16 20.30 25.94 6.91
N GLU B 17 20.04 26.70 5.85
CA GLU B 17 21.02 27.06 4.84
C GLU B 17 21.05 28.58 4.74
N ASN B 18 22.21 29.16 5.05
CA ASN B 18 22.34 30.61 5.08
C ASN B 18 21.99 31.22 3.72
N GLY B 19 20.99 32.09 3.70
CA GLY B 19 20.59 32.80 2.51
C GLY B 19 19.26 32.39 1.93
N LYS B 20 18.75 31.21 2.28
CA LYS B 20 17.47 30.74 1.80
C LYS B 20 16.41 30.92 2.88
N SER B 21 15.20 31.29 2.46
CA SER B 21 14.11 31.50 3.41
C SER B 21 13.71 30.18 4.05
N ASN B 22 13.19 30.27 5.28
CA ASN B 22 12.81 29.10 6.05
C ASN B 22 11.78 29.56 7.09
N PHE B 23 11.41 28.65 7.99
CA PHE B 23 10.50 28.95 9.09
C PHE B 23 11.20 28.66 10.41
N LEU B 24 11.15 29.63 11.32
CA LEU B 24 11.68 29.47 12.67
C LEU B 24 10.54 29.04 13.60
N ASN B 25 10.65 27.84 14.15
CA ASN B 25 9.60 27.26 14.98
C ASN B 25 9.99 27.29 16.45
N CYS B 26 9.01 27.55 17.31
CA CYS B 26 9.15 27.44 18.75
C CYS B 26 7.95 26.66 19.27
N TYR B 27 8.17 25.41 19.66
CA TYR B 27 7.10 24.49 20.03
C TYR B 27 7.03 24.40 21.54
N VAL B 28 6.03 25.05 22.12
CA VAL B 28 5.77 25.00 23.56
C VAL B 28 4.74 23.93 23.82
N SER B 29 5.03 23.04 24.77
CA SER B 29 4.15 21.90 25.02
C SER B 29 4.21 21.50 26.49
N GLY B 30 3.18 20.77 26.91
CA GLY B 30 3.14 20.17 28.23
C GLY B 30 2.95 21.15 29.38
N PHE B 31 2.25 22.24 29.14
CA PHE B 31 2.07 23.27 30.14
C PHE B 31 0.59 23.41 30.52
N HIS B 32 0.35 24.07 31.65
CA HIS B 32 -0.98 24.30 32.17
C HIS B 32 -0.92 25.38 33.25
N PRO B 33 -1.80 26.41 33.20
CA PRO B 33 -2.88 26.59 32.23
C PRO B 33 -2.41 27.14 30.88
N SER B 34 -3.36 27.59 30.06
CA SER B 34 -3.07 27.96 28.68
C SER B 34 -2.55 29.39 28.54
N ASP B 35 -2.76 30.24 29.55
CA ASP B 35 -2.27 31.62 29.48
C ASP B 35 -0.76 31.62 29.44
N ILE B 36 -0.19 31.97 28.29
CA ILE B 36 1.25 31.89 28.08
C ILE B 36 1.64 32.93 27.03
N GLU B 37 2.81 33.55 27.23
CA GLU B 37 3.35 34.53 26.30
C GLU B 37 4.57 33.93 25.61
N VAL B 38 4.54 33.89 24.28
CA VAL B 38 5.65 33.35 23.48
C VAL B 38 5.99 34.37 22.39
N ASP B 39 7.23 34.86 22.42
CA ASP B 39 7.73 35.79 21.43
C ASP B 39 9.00 35.22 20.82
N LEU B 40 9.19 35.46 19.53
CA LEU B 40 10.39 35.06 18.82
C LEU B 40 11.35 36.24 18.72
N LEU B 41 12.64 35.96 18.93
CA LEU B 41 13.66 37.00 19.03
C LEU B 41 14.65 36.91 17.88
N LYS B 42 15.03 38.07 17.35
CA LYS B 42 16.08 38.18 16.35
C LYS B 42 17.11 39.16 16.88
N ASN B 43 18.27 38.65 17.28
CA ASN B 43 19.34 39.46 17.86
C ASN B 43 18.87 40.22 19.10
N GLY B 44 17.93 39.64 19.84
CA GLY B 44 17.39 40.23 21.04
C GLY B 44 16.10 40.99 20.85
N GLU B 45 15.78 41.39 19.62
CA GLU B 45 14.57 42.16 19.34
C GLU B 45 13.41 41.24 18.98
N ARG B 46 12.21 41.65 19.38
CA ARG B 46 11.02 40.86 19.12
C ARG B 46 10.64 40.90 17.65
N ILE B 47 10.23 39.75 17.13
CA ILE B 47 9.75 39.66 15.75
C ILE B 47 8.25 39.92 15.75
N GLU B 48 7.80 40.83 14.90
CA GLU B 48 6.41 41.26 14.93
C GLU B 48 5.48 40.26 14.26
N LYS B 49 5.73 39.95 12.99
CA LYS B 49 4.87 39.04 12.24
C LYS B 49 5.16 37.61 12.68
N VAL B 50 4.47 37.17 13.74
CA VAL B 50 4.62 35.83 14.28
C VAL B 50 3.22 35.23 14.45
N GLU B 51 2.99 34.10 13.81
CA GLU B 51 1.72 33.40 13.88
C GLU B 51 1.85 32.15 14.75
N HIS B 52 0.73 31.72 15.32
CA HIS B 52 0.69 30.54 16.16
C HIS B 52 -0.47 29.65 15.74
N SER B 53 -0.37 28.37 16.09
CA SER B 53 -1.41 27.40 15.77
C SER B 53 -2.58 27.52 16.74
N ASP B 54 -3.55 26.63 16.58
CA ASP B 54 -4.71 26.61 17.46
C ASP B 54 -4.40 25.80 18.72
N LEU B 55 -5.00 26.23 19.83
CA LEU B 55 -4.73 25.59 21.12
C LEU B 55 -5.28 24.17 21.13
N SER B 56 -4.45 23.23 21.60
CA SER B 56 -4.88 21.85 21.79
C SER B 56 -4.07 21.26 22.93
N PHE B 57 -4.51 20.11 23.42
CA PHE B 57 -3.86 19.47 24.55
C PHE B 57 -3.63 17.99 24.26
N SER B 58 -2.85 17.36 25.13
CA SER B 58 -2.43 15.98 25.00
C SER B 58 -3.29 15.08 25.89
N LYS B 59 -2.86 13.82 26.04
CA LYS B 59 -3.60 12.86 26.84
C LYS B 59 -3.77 13.33 28.28
N ASP B 60 -2.72 13.93 28.85
CA ASP B 60 -2.71 14.32 30.25
C ASP B 60 -3.28 15.72 30.49
N TRP B 61 -4.03 16.27 29.53
CA TRP B 61 -4.66 17.58 29.61
C TRP B 61 -3.66 18.72 29.63
N SER B 62 -2.45 18.51 29.14
CA SER B 62 -1.44 19.57 29.05
C SER B 62 -1.46 20.14 27.63
N PHE B 63 -1.45 21.46 27.53
CA PHE B 63 -1.59 22.14 26.25
C PHE B 63 -0.27 22.14 25.46
N TYR B 64 -0.39 22.42 24.17
CA TYR B 64 0.78 22.59 23.31
C TYR B 64 0.47 23.59 22.21
N LEU B 65 1.45 24.42 21.88
CA LEU B 65 1.31 25.43 20.84
C LEU B 65 2.58 25.46 20.01
N LEU B 66 2.44 25.85 18.74
CA LEU B 66 3.57 26.05 17.84
C LEU B 66 3.57 27.49 17.37
N TYR B 67 4.62 28.22 17.70
CA TYR B 67 4.82 29.59 17.24
C TYR B 67 5.85 29.60 16.13
N TYR B 68 5.49 30.15 14.97
CA TYR B 68 6.34 30.10 13.79
C TYR B 68 6.38 31.47 13.12
N THR B 69 7.49 31.71 12.41
CA THR B 69 7.63 32.91 11.59
C THR B 69 8.55 32.57 10.42
N GLU B 70 8.35 33.28 9.32
CA GLU B 70 9.20 33.11 8.14
C GLU B 70 10.44 33.98 8.30
N PHE B 71 11.61 33.40 8.02
CA PHE B 71 12.86 34.12 8.18
C PHE B 71 13.89 33.59 7.19
N THR B 72 15.02 34.28 7.11
CA THR B 72 16.16 33.84 6.29
C THR B 72 17.41 33.90 7.17
N PRO B 73 17.93 32.77 7.60
CA PRO B 73 19.06 32.77 8.54
C PRO B 73 20.38 33.09 7.85
N THR B 74 21.30 33.61 8.64
CA THR B 74 22.65 33.91 8.21
C THR B 74 23.64 33.33 9.22
N GLU B 75 24.93 33.43 8.89
CA GLU B 75 25.96 32.91 9.79
C GLU B 75 26.13 33.77 11.03
N LYS B 76 25.64 35.01 11.02
CA LYS B 76 25.85 35.94 12.11
C LYS B 76 24.61 36.23 12.93
N ASP B 77 23.41 36.10 12.35
CA ASP B 77 22.19 36.37 13.09
C ASP B 77 21.91 35.28 14.11
N GLU B 78 21.60 35.67 15.33
CA GLU B 78 21.24 34.75 16.41
C GLU B 78 19.76 34.90 16.73
N TYR B 79 19.04 33.79 16.74
CA TYR B 79 17.62 33.78 17.03
C TYR B 79 17.36 33.02 18.33
N ALA B 80 16.28 33.40 19.00
CA ALA B 80 15.91 32.79 20.27
C ALA B 80 14.41 32.90 20.46
N CYS B 81 13.90 32.08 21.38
CA CYS B 81 12.48 32.06 21.73
C CYS B 81 12.34 32.41 23.21
N ARG B 82 11.53 33.42 23.52
CA ARG B 82 11.29 33.86 24.89
C ARG B 82 9.87 33.48 25.29
N VAL B 83 9.76 32.68 26.33
CA VAL B 83 8.47 32.16 26.80
C VAL B 83 8.31 32.54 28.27
N ASN B 84 7.16 33.13 28.60
CA ASN B 84 6.81 33.47 29.97
C ASN B 84 5.54 32.73 30.35
N HIS B 85 5.57 32.05 31.49
CA HIS B 85 4.43 31.29 31.99
C HIS B 85 4.31 31.51 33.49
N VAL B 86 3.16 31.11 34.04
CA VAL B 86 2.93 31.29 35.46
C VAL B 86 3.82 30.38 36.30
N THR B 87 4.41 29.34 35.70
CA THR B 87 5.30 28.43 36.40
C THR B 87 6.74 28.89 36.40
N LEU B 88 7.06 30.01 35.75
CA LEU B 88 8.42 30.50 35.62
C LEU B 88 8.53 31.89 36.24
N SER B 89 9.49 32.06 37.14
CA SER B 89 9.69 33.36 37.77
C SER B 89 10.19 34.39 36.76
N GLN B 90 11.33 34.11 36.13
CA GLN B 90 11.87 34.96 35.09
C GLN B 90 11.60 34.36 33.71
N PRO B 91 11.26 35.19 32.73
CA PRO B 91 10.98 34.67 31.38
C PRO B 91 12.15 33.90 30.82
N LYS B 92 11.90 32.66 30.43
CA LYS B 92 12.94 31.78 29.91
C LYS B 92 13.19 32.06 28.43
N ILE B 93 14.47 32.09 28.06
CA ILE B 93 14.89 32.34 26.68
C ILE B 93 15.76 31.19 26.23
N VAL B 94 15.38 30.56 25.12
CA VAL B 94 16.10 29.42 24.57
C VAL B 94 16.64 29.84 23.21
N LYS B 95 17.97 29.85 23.07
CA LYS B 95 18.59 30.25 21.82
C LYS B 95 18.45 29.16 20.77
N TRP B 96 18.40 29.58 19.51
CA TRP B 96 18.24 28.65 18.40
C TRP B 96 19.58 28.02 18.06
N ASP B 97 19.65 26.70 18.13
CA ASP B 97 20.83 25.93 17.78
C ASP B 97 20.59 25.22 16.46
N ARG B 98 21.51 25.38 15.52
CA ARG B 98 21.34 24.79 14.19
C ARG B 98 21.33 23.27 14.21
N ASP B 99 21.88 22.66 15.26
CA ASP B 99 22.02 21.20 15.33
C ASP B 99 21.08 20.58 16.36
N MET B 100 20.09 21.32 16.84
CA MET B 100 19.13 20.78 17.79
C MET B 100 17.69 21.04 17.33
N LEU C 1 -17.67 14.59 12.33
CA LEU C 1 -18.98 15.03 12.79
C LEU C 1 -19.00 15.16 14.30
N LEU C 2 -19.61 16.23 14.80
CA LEU C 2 -19.65 16.49 16.23
C LEU C 2 -20.78 15.70 16.89
N PHE C 3 -20.74 15.67 18.22
CA PHE C 3 -21.82 15.06 19.00
C PHE C 3 -22.95 16.07 19.16
N GLY C 4 -24.16 15.64 18.82
CA GLY C 4 -25.30 16.54 18.78
C GLY C 4 -26.01 16.73 20.11
N TYR C 5 -26.10 15.67 20.90
CA TYR C 5 -26.83 15.70 22.16
C TYR C 5 -26.15 16.64 23.14
N PRO C 6 -26.83 17.67 23.64
CA PRO C 6 -26.17 18.60 24.56
C PRO C 6 -25.94 17.96 25.92
N VAL C 7 -24.75 18.19 26.46
CA VAL C 7 -24.34 17.59 27.74
C VAL C 7 -23.91 18.70 28.69
N TYR C 8 -24.48 18.70 29.88
CA TYR C 8 -24.13 19.66 30.93
C TYR C 8 -23.52 18.93 32.11
N VAL C 9 -22.70 19.65 32.87
CA VAL C 9 -22.04 19.08 34.04
C VAL C 9 -22.79 19.47 35.31
N GLY D 1 8.57 -3.17 -0.60
CA GLY D 1 9.21 -4.41 -0.23
C GLY D 1 10.24 -4.87 -1.23
N SER D 2 11.20 -5.68 -0.76
CA SER D 2 12.25 -6.18 -1.63
C SER D 2 11.70 -7.24 -2.59
N HIS D 3 12.44 -7.46 -3.68
CA HIS D 3 12.03 -8.41 -4.70
C HIS D 3 13.27 -9.15 -5.22
N SER D 4 13.03 -10.10 -6.12
CA SER D 4 14.09 -10.93 -6.66
C SER D 4 13.59 -11.70 -7.86
N MET D 5 14.48 -11.92 -8.82
CA MET D 5 14.23 -12.83 -9.94
C MET D 5 15.26 -13.94 -9.91
N ARG D 6 14.82 -15.16 -10.18
CA ARG D 6 15.69 -16.33 -10.14
C ARG D 6 15.31 -17.29 -11.25
N TYR D 7 16.31 -17.81 -11.95
CA TYR D 7 16.12 -18.85 -12.95
C TYR D 7 16.78 -20.14 -12.47
N PHE D 8 16.10 -21.26 -12.70
CA PHE D 8 16.57 -22.56 -12.25
C PHE D 8 16.65 -23.51 -13.43
N PHE D 9 17.73 -24.29 -13.49
CA PHE D 9 17.98 -25.21 -14.59
C PHE D 9 18.43 -26.55 -14.03
N THR D 10 17.76 -27.61 -14.43
CA THR D 10 18.12 -28.97 -14.02
C THR D 10 18.26 -29.82 -15.28
N SER D 11 19.43 -30.45 -15.44
CA SER D 11 19.70 -31.33 -16.57
C SER D 11 20.20 -32.66 -16.02
N VAL D 12 19.41 -33.72 -16.22
CA VAL D 12 19.75 -35.06 -15.75
C VAL D 12 19.98 -35.93 -16.98
N SER D 13 21.11 -36.64 -16.98
CA SER D 13 21.48 -37.46 -18.14
C SER D 13 20.79 -38.82 -18.10
N ARG D 14 20.31 -39.26 -19.26
CA ARG D 14 19.71 -40.58 -19.41
C ARG D 14 20.66 -41.47 -20.22
N PRO D 15 21.28 -42.47 -19.60
CA PRO D 15 22.25 -43.32 -20.34
C PRO D 15 21.55 -44.17 -21.38
N GLY D 16 21.91 -43.96 -22.64
CA GLY D 16 21.35 -44.71 -23.74
C GLY D 16 19.90 -44.42 -24.08
N ARG D 17 19.20 -43.63 -23.28
CA ARG D 17 17.81 -43.30 -23.52
C ARG D 17 17.63 -42.06 -24.38
N GLY D 18 18.72 -41.49 -24.89
CA GLY D 18 18.64 -40.32 -25.75
C GLY D 18 19.19 -39.07 -25.12
N GLU D 19 18.72 -37.92 -25.59
CA GLU D 19 19.20 -36.65 -25.07
C GLU D 19 18.75 -36.47 -23.62
N PRO D 20 19.61 -35.93 -22.76
CA PRO D 20 19.22 -35.72 -21.36
C PRO D 20 18.05 -34.77 -21.22
N ARG D 21 17.21 -35.02 -20.22
CA ARG D 21 16.05 -34.18 -19.96
C ARG D 21 16.49 -32.85 -19.34
N PHE D 22 15.86 -31.78 -19.79
CA PHE D 22 16.22 -30.42 -19.39
C PHE D 22 14.96 -29.69 -18.94
N ILE D 23 14.98 -29.16 -17.73
CA ILE D 23 13.87 -28.42 -17.16
C ILE D 23 14.36 -27.05 -16.73
N ALA D 24 13.69 -26.00 -17.23
CA ALA D 24 14.01 -24.62 -16.88
C ALA D 24 12.77 -23.96 -16.30
N VAL D 25 12.95 -23.26 -15.18
CA VAL D 25 11.85 -22.62 -14.46
C VAL D 25 12.30 -21.24 -14.01
N GLY D 26 11.45 -20.24 -14.26
CA GLY D 26 11.72 -18.86 -13.83
C GLY D 26 10.74 -18.42 -12.76
N TYR D 27 11.20 -17.56 -11.85
CA TYR D 27 10.41 -17.12 -10.72
C TYR D 27 10.51 -15.60 -10.55
N VAL D 28 9.49 -15.02 -9.90
CA VAL D 28 9.56 -13.66 -9.39
C VAL D 28 9.06 -13.70 -7.95
N ASP D 29 9.99 -13.89 -7.03
CA ASP D 29 9.93 -13.85 -5.57
C ASP D 29 9.21 -15.01 -4.90
N ASP D 30 8.15 -15.55 -5.51
CA ASP D 30 7.58 -16.82 -5.11
C ASP D 30 6.68 -17.39 -6.21
N THR D 31 6.55 -16.67 -7.32
CA THR D 31 5.57 -16.97 -8.35
C THR D 31 6.30 -17.33 -9.63
N GLN D 32 6.20 -18.60 -10.02
CA GLN D 32 6.74 -19.04 -11.29
C GLN D 32 5.98 -18.40 -12.44
N PHE D 33 6.70 -17.87 -13.42
CA PHE D 33 6.08 -17.19 -14.55
C PHE D 33 6.48 -17.76 -15.91
N VAL D 34 7.55 -18.54 -16.00
CA VAL D 34 7.94 -19.19 -17.24
C VAL D 34 8.45 -20.59 -16.92
N ARG D 35 8.37 -21.47 -17.93
CA ARG D 35 8.83 -22.84 -17.77
C ARG D 35 9.35 -23.36 -19.10
N PHE D 36 10.15 -24.41 -19.02
CA PHE D 36 10.54 -25.17 -20.20
C PHE D 36 10.91 -26.58 -19.76
N ASP D 37 10.34 -27.58 -20.44
CA ASP D 37 10.66 -28.98 -20.20
C ASP D 37 10.94 -29.63 -21.55
N SER D 38 12.13 -30.22 -21.69
CA SER D 38 12.49 -30.89 -22.94
C SER D 38 11.61 -32.09 -23.22
N ASP D 39 11.03 -32.70 -22.20
CA ASP D 39 10.15 -33.85 -22.40
C ASP D 39 8.72 -33.44 -22.74
N ALA D 40 8.40 -32.15 -22.72
CA ALA D 40 7.04 -31.71 -23.00
C ALA D 40 6.76 -31.75 -24.50
N ALA D 41 5.47 -31.73 -24.84
CA ALA D 41 5.06 -31.78 -26.24
C ALA D 41 5.43 -30.50 -26.97
N SER D 42 5.52 -29.38 -26.26
CA SER D 42 5.89 -28.10 -26.85
C SER D 42 7.33 -27.77 -26.47
N GLN D 43 8.16 -27.51 -27.49
CA GLN D 43 9.56 -27.16 -27.28
C GLN D 43 9.77 -25.66 -27.18
N ARG D 44 8.77 -24.91 -26.75
CA ARG D 44 8.86 -23.47 -26.59
C ARG D 44 8.76 -23.10 -25.11
N MET D 45 9.00 -21.82 -24.84
CA MET D 45 8.90 -21.30 -23.48
C MET D 45 7.43 -21.06 -23.14
N GLU D 46 6.93 -21.78 -22.13
CA GLU D 46 5.52 -21.58 -21.80
C GLU D 46 5.37 -20.67 -20.60
N PRO D 47 4.34 -19.83 -20.59
CA PRO D 47 4.13 -18.93 -19.45
C PRO D 47 3.38 -19.60 -18.31
N ARG D 48 3.59 -19.07 -17.10
CA ARG D 48 2.91 -19.53 -15.89
C ARG D 48 2.22 -18.41 -15.13
N ALA D 49 2.30 -17.16 -15.60
CA ALA D 49 1.69 -16.02 -14.95
C ALA D 49 1.03 -15.16 -16.00
N PRO D 50 -0.07 -14.47 -15.66
CA PRO D 50 -0.75 -13.66 -16.68
C PRO D 50 0.03 -12.43 -17.10
N TRP D 51 0.87 -11.86 -16.22
CA TRP D 51 1.56 -10.63 -16.56
C TRP D 51 2.75 -10.84 -17.49
N ILE D 52 3.26 -12.07 -17.60
CA ILE D 52 4.33 -12.32 -18.55
C ILE D 52 3.79 -12.51 -19.97
N GLU D 53 2.50 -12.81 -20.12
CA GLU D 53 1.91 -12.98 -21.44
C GLU D 53 1.68 -11.66 -22.17
N GLN D 54 1.88 -10.53 -21.51
CA GLN D 54 1.75 -9.23 -22.16
C GLN D 54 2.91 -8.91 -23.08
N GLU D 55 3.94 -9.77 -23.14
CA GLU D 55 5.07 -9.54 -24.01
C GLU D 55 4.76 -9.97 -25.44
N GLY D 56 5.44 -9.31 -26.38
CA GLY D 56 5.23 -9.58 -27.78
C GLY D 56 5.83 -10.91 -28.21
N PRO D 57 5.49 -11.36 -29.41
CA PRO D 57 6.06 -12.63 -29.90
C PRO D 57 7.56 -12.60 -30.08
N GLU D 58 8.16 -11.42 -30.23
CA GLU D 58 9.62 -11.33 -30.29
C GLU D 58 10.24 -11.74 -28.96
N TYR D 59 9.57 -11.45 -27.85
CA TYR D 59 10.07 -11.84 -26.54
C TYR D 59 10.13 -13.37 -26.42
N TRP D 60 9.03 -14.04 -26.75
CA TRP D 60 9.00 -15.49 -26.61
C TRP D 60 9.88 -16.18 -27.64
N ASP D 61 9.95 -15.64 -28.85
CA ASP D 61 10.86 -16.20 -29.84
C ASP D 61 12.31 -16.01 -29.44
N GLY D 62 12.60 -14.96 -28.67
CA GLY D 62 13.96 -14.71 -28.21
C GLY D 62 14.33 -15.53 -27.00
N GLU D 63 13.39 -15.71 -26.06
CA GLU D 63 13.67 -16.50 -24.87
C GLU D 63 13.69 -17.99 -25.17
N THR D 64 12.99 -18.43 -26.22
CA THR D 64 13.05 -19.82 -26.61
C THR D 64 14.45 -20.19 -27.13
N ARG D 65 15.06 -19.30 -27.91
CA ARG D 65 16.41 -19.54 -28.38
C ARG D 65 17.40 -19.64 -27.22
N LYS D 66 17.23 -18.77 -26.21
CA LYS D 66 18.15 -18.77 -25.08
C LYS D 66 18.05 -20.05 -24.28
N VAL D 67 16.84 -20.54 -24.05
CA VAL D 67 16.67 -21.74 -23.24
C VAL D 67 17.16 -22.97 -24.00
N LYS D 68 16.88 -23.03 -25.31
CA LYS D 68 17.46 -24.07 -26.13
C LYS D 68 18.98 -24.00 -26.11
N ALA D 69 19.54 -22.78 -26.00
CA ALA D 69 20.97 -22.64 -25.85
C ALA D 69 21.43 -23.14 -24.48
N HIS D 70 20.67 -22.84 -23.43
CA HIS D 70 21.01 -23.36 -22.10
C HIS D 70 20.98 -24.88 -22.09
N SER D 71 20.06 -25.49 -22.85
CA SER D 71 19.99 -26.95 -22.90
C SER D 71 21.20 -27.54 -23.60
N GLN D 72 21.72 -26.86 -24.63
CA GLN D 72 22.87 -27.37 -25.35
C GLN D 72 24.13 -27.31 -24.48
N THR D 73 24.30 -26.21 -23.75
CA THR D 73 25.47 -26.11 -22.87
C THR D 73 25.42 -27.17 -21.77
N HIS D 74 24.26 -27.32 -21.13
CA HIS D 74 24.12 -28.36 -20.11
C HIS D 74 24.32 -29.75 -20.69
N ARG D 75 23.96 -29.93 -21.96
CA ARG D 75 24.25 -31.20 -22.63
C ARG D 75 25.75 -31.40 -22.75
N VAL D 76 26.48 -30.35 -23.13
CA VAL D 76 27.94 -30.44 -23.25
C VAL D 76 28.58 -30.53 -21.88
N ASP D 77 28.04 -29.78 -20.90
CA ASP D 77 28.62 -29.80 -19.56
C ASP D 77 28.52 -31.18 -18.92
N LEU D 78 27.49 -31.96 -19.27
CA LEU D 78 27.38 -33.31 -18.74
C LEU D 78 28.54 -34.18 -19.21
N GLY D 79 28.95 -34.03 -20.46
CA GLY D 79 30.07 -34.78 -20.98
C GLY D 79 31.40 -34.24 -20.49
N THR D 80 31.50 -32.92 -20.37
CA THR D 80 32.75 -32.30 -19.92
C THR D 80 33.04 -32.67 -18.47
N LEU D 81 32.04 -32.55 -17.60
CA LEU D 81 32.22 -32.93 -16.20
C LEU D 81 32.42 -34.43 -16.06
N ARG D 82 31.88 -35.21 -16.99
CA ARG D 82 32.13 -36.65 -16.98
C ARG D 82 33.59 -36.96 -17.23
N GLY D 83 34.25 -36.16 -18.07
CA GLY D 83 35.67 -36.34 -18.29
C GLY D 83 36.54 -35.75 -17.19
N TYR D 84 36.05 -34.70 -16.51
CA TYR D 84 36.80 -34.11 -15.42
C TYR D 84 36.97 -35.09 -14.26
N TYR D 85 35.93 -35.87 -13.96
CA TYR D 85 35.95 -36.78 -12.82
C TYR D 85 36.19 -38.22 -13.23
N ASN D 86 36.54 -38.47 -14.49
CA ASN D 86 36.81 -39.81 -15.01
C ASN D 86 35.65 -40.75 -14.69
N GLN D 87 34.47 -40.36 -15.15
CA GLN D 87 33.25 -41.10 -14.90
C GLN D 87 32.83 -41.87 -16.15
N SER D 88 32.19 -43.01 -15.93
CA SER D 88 31.73 -43.84 -17.04
C SER D 88 30.42 -43.29 -17.59
N GLU D 89 29.98 -43.88 -18.70
CA GLU D 89 28.72 -43.51 -19.34
C GLU D 89 27.52 -44.25 -18.76
N ALA D 90 27.62 -44.74 -17.52
CA ALA D 90 26.51 -45.44 -16.90
C ALA D 90 25.34 -44.51 -16.58
N GLY D 91 25.56 -43.20 -16.59
CA GLY D 91 24.48 -42.26 -16.43
C GLY D 91 24.22 -41.86 -14.99
N SER D 92 23.02 -41.32 -14.77
CA SER D 92 22.55 -40.89 -13.44
C SER D 92 23.44 -39.78 -12.87
N HIS D 93 23.60 -38.72 -13.64
CA HIS D 93 24.32 -37.52 -13.21
C HIS D 93 23.39 -36.32 -13.28
N THR D 94 23.66 -35.31 -12.46
CA THR D 94 22.79 -34.16 -12.32
C THR D 94 23.61 -32.86 -12.36
N VAL D 95 23.26 -31.98 -13.29
CA VAL D 95 23.86 -30.65 -13.39
C VAL D 95 22.77 -29.62 -13.17
N GLN D 96 23.00 -28.72 -12.22
CA GLN D 96 22.00 -27.72 -11.84
C GLN D 96 22.63 -26.33 -11.93
N ARG D 97 21.90 -25.40 -12.55
CA ARG D 97 22.35 -24.03 -12.71
C ARG D 97 21.28 -23.08 -12.21
N MET D 98 21.72 -22.05 -11.47
CA MET D 98 20.81 -21.07 -10.90
C MET D 98 21.48 -19.70 -10.90
N TYR D 99 20.80 -18.70 -11.44
CA TYR D 99 21.30 -17.33 -11.38
C TYR D 99 20.14 -16.37 -11.29
N GLY D 100 20.43 -15.17 -10.79
CA GLY D 100 19.42 -14.14 -10.63
C GLY D 100 19.97 -12.98 -9.85
N CYS D 101 19.08 -12.02 -9.59
CA CYS D 101 19.45 -10.81 -8.87
C CYS D 101 18.39 -10.51 -7.82
N ASP D 102 18.80 -9.74 -6.81
CA ASP D 102 17.93 -9.28 -5.73
C ASP D 102 17.89 -7.76 -5.74
N VAL D 103 16.72 -7.20 -5.48
CA VAL D 103 16.56 -5.76 -5.34
C VAL D 103 16.01 -5.45 -3.97
N GLY D 104 16.38 -4.27 -3.45
CA GLY D 104 15.87 -3.81 -2.18
C GLY D 104 14.51 -3.16 -2.31
N SER D 105 14.03 -2.63 -1.19
CA SER D 105 12.73 -1.97 -1.18
C SER D 105 12.71 -0.77 -2.12
N ASP D 106 13.85 -0.12 -2.34
CA ASP D 106 13.95 0.97 -3.30
C ASP D 106 14.13 0.49 -4.74
N TRP D 107 14.03 -0.81 -4.98
CA TRP D 107 14.17 -1.45 -6.29
C TRP D 107 15.56 -1.32 -6.88
N ARG D 108 16.55 -0.88 -6.10
CA ARG D 108 17.92 -0.85 -6.58
C ARG D 108 18.56 -2.23 -6.43
N PHE D 109 19.62 -2.46 -7.20
CA PHE D 109 20.31 -3.75 -7.17
C PHE D 109 20.86 -4.01 -5.77
N LEU D 110 20.64 -5.23 -5.28
CA LEU D 110 21.07 -5.61 -3.94
C LEU D 110 22.13 -6.70 -3.94
N ARG D 111 21.95 -7.76 -4.74
CA ARG D 111 22.94 -8.83 -4.81
C ARG D 111 22.69 -9.66 -6.06
N GLY D 112 23.77 -10.16 -6.66
CA GLY D 112 23.70 -11.00 -7.84
C GLY D 112 24.15 -12.42 -7.52
N TYR D 113 23.59 -13.38 -8.22
CA TYR D 113 23.86 -14.79 -7.98
C TYR D 113 24.16 -15.51 -9.28
N HIS D 114 25.09 -16.47 -9.22
CA HIS D 114 25.36 -17.35 -10.36
C HIS D 114 26.11 -18.56 -9.83
N GLN D 115 25.49 -19.73 -9.89
CA GLN D 115 26.04 -20.93 -9.28
C GLN D 115 25.81 -22.14 -10.18
N TYR D 116 26.72 -23.09 -10.09
CA TYR D 116 26.61 -24.38 -10.74
C TYR D 116 26.71 -25.49 -9.70
N ALA D 117 26.25 -26.68 -10.08
CA ALA D 117 26.30 -27.83 -9.17
C ALA D 117 26.34 -29.11 -9.98
N TYR D 118 27.15 -30.06 -9.53
CA TYR D 118 27.26 -31.37 -10.16
C TYR D 118 26.94 -32.43 -9.13
N ASP D 119 25.88 -33.21 -9.39
CA ASP D 119 25.47 -34.31 -8.52
C ASP D 119 25.18 -33.83 -7.09
N GLY D 120 24.50 -32.69 -6.98
CA GLY D 120 24.03 -32.20 -5.70
C GLY D 120 25.07 -31.50 -4.84
N LYS D 121 26.30 -31.35 -5.33
CA LYS D 121 27.34 -30.64 -4.59
C LYS D 121 27.68 -29.33 -5.30
N ASP D 122 28.16 -28.36 -4.52
CA ASP D 122 28.59 -27.10 -5.10
C ASP D 122 29.78 -27.32 -6.03
N TYR D 123 29.69 -26.79 -7.24
CA TYR D 123 30.78 -26.90 -8.21
C TYR D 123 31.54 -25.59 -8.36
N ILE D 124 30.83 -24.52 -8.71
CA ILE D 124 31.45 -23.21 -8.86
C ILE D 124 30.37 -22.16 -8.63
N ALA D 125 30.77 -21.02 -8.06
CA ALA D 125 29.82 -19.97 -7.71
C ALA D 125 30.48 -18.61 -7.86
N LEU D 126 29.69 -17.64 -8.32
CA LEU D 126 30.15 -16.27 -8.44
C LEU D 126 30.03 -15.56 -7.09
N LYS D 127 31.10 -14.90 -6.68
CA LYS D 127 31.14 -14.24 -5.37
C LYS D 127 30.31 -12.96 -5.39
N GLU D 128 30.20 -12.31 -4.22
CA GLU D 128 29.37 -11.12 -4.11
C GLU D 128 29.94 -9.95 -4.91
N ASP D 129 31.27 -9.85 -4.98
CA ASP D 129 31.88 -8.77 -5.74
C ASP D 129 31.64 -8.89 -7.24
N LEU D 130 31.08 -10.02 -7.70
CA LEU D 130 30.76 -10.28 -9.10
C LEU D 130 31.99 -10.19 -10.00
N ARG D 131 33.18 -10.38 -9.43
CA ARG D 131 34.42 -10.35 -10.18
C ARG D 131 35.29 -11.58 -9.98
N SER D 132 35.08 -12.37 -8.93
CA SER D 132 35.86 -13.57 -8.66
C SER D 132 34.94 -14.79 -8.64
N TRP D 133 35.57 -15.96 -8.71
CA TRP D 133 34.85 -17.23 -8.69
C TRP D 133 35.29 -18.06 -7.49
N THR D 134 34.42 -18.98 -7.08
CA THR D 134 34.67 -19.90 -5.97
C THR D 134 34.70 -21.31 -6.53
N ALA D 135 35.89 -21.92 -6.53
CA ALA D 135 36.09 -23.26 -7.06
C ALA D 135 36.13 -24.27 -5.92
N ALA D 136 35.33 -25.33 -6.03
CA ALA D 136 35.25 -26.33 -4.98
C ALA D 136 36.48 -27.24 -4.98
N ASP D 137 36.71 -27.93 -6.10
CA ASP D 137 37.80 -28.88 -6.18
C ASP D 137 38.71 -28.59 -7.38
N MET D 138 39.62 -29.52 -7.69
CA MET D 138 40.54 -29.32 -8.80
C MET D 138 39.79 -29.18 -10.13
N ALA D 139 38.72 -29.96 -10.31
CA ALA D 139 37.96 -29.87 -11.55
C ALA D 139 37.28 -28.52 -11.71
N ALA D 140 36.94 -27.87 -10.59
CA ALA D 140 36.31 -26.56 -10.66
C ALA D 140 37.30 -25.46 -11.01
N GLN D 141 38.54 -25.58 -10.57
CA GLN D 141 39.55 -24.58 -10.92
C GLN D 141 39.83 -24.59 -12.41
N THR D 142 39.66 -25.73 -13.07
CA THR D 142 39.76 -25.79 -14.53
C THR D 142 38.69 -24.94 -15.17
N THR D 143 37.45 -25.08 -14.70
CA THR D 143 36.35 -24.25 -15.21
C THR D 143 36.55 -22.79 -14.83
N LYS D 144 37.10 -22.54 -13.64
CA LYS D 144 37.38 -21.16 -13.23
C LYS D 144 38.33 -20.49 -14.21
N HIS D 145 39.40 -21.17 -14.60
CA HIS D 145 40.36 -20.60 -15.53
C HIS D 145 39.73 -20.35 -16.90
N LYS D 146 38.87 -21.26 -17.35
CA LYS D 146 38.22 -21.08 -18.64
C LYS D 146 37.28 -19.89 -18.63
N TRP D 147 36.60 -19.65 -17.51
CA TRP D 147 35.69 -18.52 -17.42
C TRP D 147 36.43 -17.20 -17.21
N GLU D 148 37.62 -17.25 -16.60
CA GLU D 148 38.40 -16.02 -16.44
C GLU D 148 38.96 -15.54 -17.78
N ALA D 149 39.38 -16.48 -18.63
CA ALA D 149 39.91 -16.10 -19.94
C ALA D 149 38.82 -15.60 -20.86
N ALA D 150 37.63 -16.19 -20.77
CA ALA D 150 36.50 -15.80 -21.61
C ALA D 150 35.81 -14.53 -21.13
N HIS D 151 36.28 -13.94 -20.03
CA HIS D 151 35.66 -12.74 -19.44
C HIS D 151 34.18 -12.99 -19.16
N VAL D 152 33.89 -14.09 -18.48
CA VAL D 152 32.51 -14.45 -18.20
C VAL D 152 31.96 -13.61 -17.05
N ALA D 153 32.76 -13.41 -16.01
CA ALA D 153 32.28 -12.63 -14.86
C ALA D 153 31.95 -11.19 -15.24
N GLU D 154 32.64 -10.65 -16.25
CA GLU D 154 32.32 -9.31 -16.71
C GLU D 154 31.02 -9.28 -17.49
N GLN D 155 30.70 -10.35 -18.23
CA GLN D 155 29.46 -10.40 -18.98
C GLN D 155 28.25 -10.53 -18.05
N LEU D 156 28.43 -11.15 -16.88
CA LEU D 156 27.34 -11.31 -15.94
C LEU D 156 27.03 -10.01 -15.20
N ARG D 157 28.05 -9.19 -14.94
CA ARG D 157 27.80 -7.91 -14.27
C ARG D 157 26.92 -7.00 -15.10
N ALA D 158 27.06 -7.04 -16.43
CA ALA D 158 26.21 -6.22 -17.28
C ALA D 158 24.77 -6.73 -17.27
N TYR D 159 24.57 -8.02 -16.98
CA TYR D 159 23.24 -8.62 -16.91
C TYR D 159 22.68 -8.57 -15.49
N LEU D 160 23.45 -9.03 -14.51
CA LEU D 160 22.95 -9.09 -13.14
C LEU D 160 22.70 -7.70 -12.57
N GLU D 161 23.64 -6.78 -12.78
CA GLU D 161 23.49 -5.43 -12.26
C GLU D 161 22.72 -4.50 -13.19
N GLY D 162 22.62 -4.82 -14.48
CA GLY D 162 21.95 -3.93 -15.40
C GLY D 162 20.71 -4.45 -16.11
N THR D 163 20.67 -5.75 -16.41
CA THR D 163 19.56 -6.31 -17.19
C THR D 163 18.58 -7.10 -16.34
N CYS D 164 19.10 -7.91 -15.42
CA CYS D 164 18.24 -8.66 -14.51
C CYS D 164 17.39 -7.72 -13.67
N VAL D 165 17.96 -6.60 -13.21
CA VAL D 165 17.22 -5.69 -12.37
C VAL D 165 16.23 -4.85 -13.19
N GLU D 166 16.62 -4.43 -14.39
CA GLU D 166 15.74 -3.58 -15.18
C GLU D 166 14.49 -4.33 -15.61
N TRP D 167 14.64 -5.59 -16.05
CA TRP D 167 13.48 -6.39 -16.43
C TRP D 167 12.71 -6.89 -15.22
N LEU D 168 13.35 -6.94 -14.05
CA LEU D 168 12.59 -7.22 -12.83
C LEU D 168 11.62 -6.08 -12.53
N ARG D 169 12.08 -4.84 -12.67
CA ARG D 169 11.19 -3.70 -12.50
C ARG D 169 10.04 -3.72 -13.51
N ARG D 170 10.33 -4.15 -14.74
CA ARG D 170 9.28 -4.25 -15.74
C ARG D 170 8.23 -5.28 -15.35
N TYR D 171 8.68 -6.42 -14.81
CA TYR D 171 7.74 -7.45 -14.39
C TYR D 171 6.92 -7.01 -13.19
N LEU D 172 7.51 -6.24 -12.27
CA LEU D 172 6.77 -5.77 -11.10
C LEU D 172 5.65 -4.82 -11.51
N GLU D 173 5.91 -3.93 -12.48
CA GLU D 173 4.88 -3.00 -12.90
C GLU D 173 3.78 -3.70 -13.69
N ASN D 174 4.15 -4.68 -14.52
CA ASN D 174 3.15 -5.44 -15.27
C ASN D 174 2.33 -6.35 -14.37
N GLY D 175 2.85 -6.71 -13.20
CA GLY D 175 2.13 -7.59 -12.30
C GLY D 175 1.94 -6.98 -10.92
N LYS D 176 1.76 -5.66 -10.88
CA LYS D 176 1.55 -4.97 -9.60
C LYS D 176 0.32 -5.51 -8.89
N GLU D 177 -0.71 -5.86 -9.66
CA GLU D 177 -1.92 -6.44 -9.07
C GLU D 177 -1.60 -7.72 -8.31
N THR D 178 -0.66 -8.51 -8.81
CA THR D 178 -0.33 -9.81 -8.22
C THR D 178 0.95 -9.78 -7.40
N LEU D 179 2.05 -9.29 -7.98
CA LEU D 179 3.36 -9.41 -7.36
C LEU D 179 3.52 -8.43 -6.19
N GLN D 180 2.98 -7.22 -6.30
CA GLN D 180 3.16 -6.21 -5.28
C GLN D 180 2.10 -6.26 -4.19
N ARG D 181 1.21 -7.24 -4.20
CA ARG D 181 0.21 -7.40 -3.16
C ARG D 181 0.67 -8.46 -2.17
N THR D 182 0.56 -8.15 -0.88
CA THR D 182 0.89 -9.08 0.18
C THR D 182 -0.40 -9.62 0.78
N ASP D 183 -0.52 -10.95 0.83
CA ASP D 183 -1.71 -11.61 1.34
C ASP D 183 -1.42 -12.12 2.75
N ALA D 184 -2.08 -11.52 3.74
CA ALA D 184 -1.82 -11.87 5.13
C ALA D 184 -2.39 -13.26 5.43
N PRO D 185 -1.76 -14.00 6.35
CA PRO D 185 -2.22 -15.36 6.65
C PRO D 185 -3.49 -15.37 7.47
N LYS D 186 -4.24 -16.46 7.35
CA LYS D 186 -5.41 -16.74 8.18
C LYS D 186 -4.98 -17.69 9.29
N THR D 187 -5.00 -17.21 10.53
CA THR D 187 -4.48 -17.96 11.66
C THR D 187 -5.61 -18.56 12.50
N HIS D 188 -5.38 -19.78 12.98
CA HIS D 188 -6.28 -20.43 13.91
C HIS D 188 -5.53 -21.55 14.62
N MET D 189 -6.10 -22.01 15.74
CA MET D 189 -5.49 -23.05 16.55
C MET D 189 -6.37 -24.29 16.57
N THR D 190 -5.74 -25.42 16.90
CA THR D 190 -6.44 -26.69 17.10
C THR D 190 -5.89 -27.35 18.35
N HIS D 191 -6.77 -28.06 19.07
CA HIS D 191 -6.42 -28.72 20.32
C HIS D 191 -6.76 -30.19 20.22
N HIS D 192 -5.76 -31.05 20.45
CA HIS D 192 -5.93 -32.49 20.43
C HIS D 192 -5.34 -33.10 21.69
N ALA D 193 -6.03 -34.07 22.27
CA ALA D 193 -5.59 -34.76 23.48
C ALA D 193 -4.79 -35.99 23.09
N VAL D 194 -3.62 -36.14 23.71
CA VAL D 194 -2.73 -37.25 23.38
C VAL D 194 -2.77 -38.26 24.51
N SER D 195 -2.94 -37.75 25.72
CA SER D 195 -2.99 -38.61 26.89
C SER D 195 -3.97 -38.00 27.87
N ASP D 196 -3.99 -38.54 29.08
CA ASP D 196 -4.88 -38.09 30.14
C ASP D 196 -4.39 -36.82 30.82
N HIS D 197 -3.14 -36.43 30.60
CA HIS D 197 -2.59 -35.24 31.24
C HIS D 197 -1.76 -34.39 30.28
N GLU D 198 -1.77 -34.69 28.98
CA GLU D 198 -1.04 -33.91 28.00
C GLU D 198 -1.92 -33.67 26.78
N ALA D 199 -1.64 -32.56 26.08
CA ALA D 199 -2.41 -32.18 24.91
C ALA D 199 -1.47 -31.52 23.91
N THR D 200 -2.01 -31.24 22.72
CA THR D 200 -1.25 -30.66 21.62
C THR D 200 -1.94 -29.40 21.12
N LEU D 201 -1.26 -28.27 21.24
CA LEU D 201 -1.70 -27.00 20.67
C LEU D 201 -1.00 -26.80 19.33
N ARG D 202 -1.76 -26.70 18.25
CA ARG D 202 -1.22 -26.56 16.91
C ARG D 202 -1.66 -25.22 16.33
N CYS D 203 -0.67 -24.39 15.98
CA CYS D 203 -0.91 -23.05 15.48
C CYS D 203 -0.84 -23.05 13.96
N TRP D 204 -1.91 -22.61 13.30
CA TRP D 204 -2.03 -22.70 11.86
C TRP D 204 -1.89 -21.34 11.19
N ALA D 205 -1.42 -21.35 9.94
CA ALA D 205 -1.26 -20.15 9.14
C ALA D 205 -1.48 -20.53 7.69
N LEU D 206 -2.63 -20.15 7.14
CA LEU D 206 -3.06 -20.59 5.81
C LEU D 206 -3.26 -19.39 4.89
N SER D 207 -3.05 -19.64 3.59
CA SER D 207 -3.37 -18.69 2.53
C SER D 207 -2.61 -17.37 2.71
N PHE D 208 -1.28 -17.44 2.64
CA PHE D 208 -0.45 -16.26 2.75
C PHE D 208 0.56 -16.19 1.61
N TYR D 209 0.99 -14.97 1.31
CA TYR D 209 1.97 -14.67 0.29
C TYR D 209 2.71 -13.41 0.73
N PRO D 210 4.04 -13.37 0.62
CA PRO D 210 4.94 -14.43 0.14
C PRO D 210 5.12 -15.58 1.11
N ALA D 211 5.97 -16.54 0.76
CA ALA D 211 6.15 -17.73 1.58
C ALA D 211 6.90 -17.46 2.87
N GLU D 212 7.58 -16.31 2.99
CA GLU D 212 8.36 -16.03 4.18
C GLU D 212 7.43 -15.77 5.36
N ILE D 213 7.53 -16.61 6.39
CA ILE D 213 6.71 -16.50 7.58
C ILE D 213 7.48 -17.06 8.76
N THR D 214 7.08 -16.68 9.97
CA THR D 214 7.74 -17.12 11.19
C THR D 214 6.69 -17.47 12.23
N LEU D 215 6.71 -18.71 12.70
CA LEU D 215 5.84 -19.17 13.77
C LEU D 215 6.69 -19.45 15.02
N THR D 216 6.29 -18.85 16.14
CA THR D 216 7.05 -19.00 17.38
C THR D 216 6.09 -19.28 18.53
N TRP D 217 6.45 -20.25 19.37
CA TRP D 217 5.69 -20.57 20.57
C TRP D 217 6.40 -20.01 21.79
N GLN D 218 5.65 -19.32 22.65
CA GLN D 218 6.19 -18.75 23.88
C GLN D 218 5.41 -19.27 25.08
N ARG D 219 6.12 -19.50 26.18
CA ARG D 219 5.53 -19.90 27.45
C ARG D 219 5.91 -18.85 28.48
N ASP D 220 4.93 -18.04 28.89
CA ASP D 220 5.14 -16.94 29.83
C ASP D 220 6.16 -15.93 29.31
N GLY D 221 6.23 -15.77 27.99
CA GLY D 221 7.11 -14.83 27.36
C GLY D 221 8.44 -15.42 26.89
N GLU D 222 8.82 -16.58 27.43
CA GLU D 222 10.06 -17.22 27.03
C GLU D 222 9.82 -18.13 25.83
N ASP D 223 10.74 -18.08 24.87
CA ASP D 223 10.60 -18.86 23.64
C ASP D 223 10.68 -20.35 23.94
N GLN D 224 9.66 -21.09 23.53
CA GLN D 224 9.65 -22.55 23.66
C GLN D 224 10.15 -23.14 22.35
N THR D 225 11.41 -23.53 22.32
CA THR D 225 12.04 -24.02 21.10
C THR D 225 12.34 -25.50 21.10
N GLN D 226 12.66 -26.09 22.27
CA GLN D 226 13.05 -27.49 22.30
C GLN D 226 11.85 -28.41 22.05
N ASP D 227 10.69 -28.07 22.59
CA ASP D 227 9.50 -28.89 22.47
C ASP D 227 8.57 -28.42 21.35
N THR D 228 9.09 -27.67 20.38
CA THR D 228 8.29 -27.12 19.29
C THR D 228 8.53 -27.93 18.03
N GLU D 229 7.44 -28.38 17.41
CA GLU D 229 7.50 -29.08 16.12
C GLU D 229 7.12 -28.10 15.01
N LEU D 230 8.05 -27.87 14.10
CA LEU D 230 7.83 -27.00 12.95
C LEU D 230 7.88 -27.83 11.68
N VAL D 231 7.06 -27.45 10.69
CA VAL D 231 7.06 -28.08 9.38
C VAL D 231 7.41 -27.03 8.34
N GLU D 232 8.01 -27.48 7.24
CA GLU D 232 8.41 -26.55 6.18
C GLU D 232 7.19 -25.87 5.59
N THR D 233 7.38 -24.62 5.18
CA THR D 233 6.32 -23.89 4.49
C THR D 233 6.00 -24.59 3.17
N ARG D 234 4.75 -25.02 3.04
CA ARG D 234 4.34 -25.80 1.89
C ARG D 234 3.43 -25.00 0.97
N PRO D 235 3.42 -25.29 -0.32
CA PRO D 235 2.49 -24.61 -1.23
C PRO D 235 1.10 -25.24 -1.17
N ALA D 236 0.10 -24.39 -1.43
CA ALA D 236 -1.27 -24.87 -1.46
C ALA D 236 -1.74 -25.29 -2.85
N GLY D 237 -1.08 -24.82 -3.90
CA GLY D 237 -1.48 -25.10 -5.26
C GLY D 237 -2.18 -23.96 -5.97
N ASP D 238 -2.49 -22.87 -5.26
CA ASP D 238 -3.16 -21.72 -5.85
C ASP D 238 -2.33 -20.44 -5.80
N GLY D 239 -1.08 -20.51 -5.36
CA GLY D 239 -0.23 -19.36 -5.21
C GLY D 239 0.07 -18.98 -3.77
N THR D 240 -0.72 -19.48 -2.82
CA THR D 240 -0.50 -19.21 -1.41
C THR D 240 0.26 -20.36 -0.76
N PHE D 241 0.60 -20.18 0.51
CA PHE D 241 1.41 -21.15 1.24
C PHE D 241 0.78 -21.44 2.60
N GLN D 242 1.23 -22.53 3.22
CA GLN D 242 0.74 -22.97 4.51
C GLN D 242 1.91 -23.35 5.39
N LYS D 243 1.68 -23.28 6.71
CA LYS D 243 2.68 -23.68 7.69
C LYS D 243 2.01 -23.77 9.05
N TRP D 244 2.38 -24.77 9.83
CA TRP D 244 1.83 -24.93 11.17
C TRP D 244 2.93 -25.33 12.14
N ALA D 245 2.76 -24.92 13.40
CA ALA D 245 3.67 -25.24 14.48
C ALA D 245 2.89 -25.80 15.65
N ALA D 246 3.43 -26.83 16.29
CA ALA D 246 2.73 -27.54 17.36
C ALA D 246 3.65 -27.72 18.56
N VAL D 247 3.04 -27.73 19.75
CA VAL D 247 3.76 -27.97 20.99
C VAL D 247 2.94 -28.93 21.84
N VAL D 248 3.64 -29.71 22.66
CA VAL D 248 3.01 -30.65 23.58
C VAL D 248 2.84 -29.93 24.92
N VAL D 249 1.63 -29.50 25.21
CA VAL D 249 1.32 -28.72 26.41
C VAL D 249 0.69 -29.67 27.43
N PRO D 250 1.10 -29.61 28.69
CA PRO D 250 0.41 -30.40 29.72
C PRO D 250 -1.04 -29.95 29.87
N SER D 251 -1.91 -30.90 30.17
CA SER D 251 -3.33 -30.61 30.27
C SER D 251 -3.59 -29.58 31.36
N GLY D 252 -4.27 -28.49 31.00
CA GLY D 252 -4.56 -27.41 31.92
C GLY D 252 -3.64 -26.21 31.81
N GLN D 253 -2.50 -26.35 31.12
CA GLN D 253 -1.52 -25.29 30.98
C GLN D 253 -1.65 -24.53 29.67
N GLU D 254 -2.75 -24.71 28.94
CA GLU D 254 -2.91 -24.04 27.65
C GLU D 254 -2.97 -22.52 27.79
N GLN D 255 -3.36 -22.02 28.97
CA GLN D 255 -3.48 -20.58 29.17
C GLN D 255 -2.14 -19.87 29.21
N ARG D 256 -1.03 -20.61 29.35
CA ARG D 256 0.29 -20.01 29.44
C ARG D 256 1.08 -20.09 28.14
N TYR D 257 0.54 -20.76 27.12
CA TYR D 257 1.22 -20.90 25.84
C TYR D 257 0.61 -19.93 24.83
N THR D 258 1.47 -19.22 24.10
CA THR D 258 1.05 -18.25 23.11
C THR D 258 1.78 -18.51 21.80
N CYS D 259 1.09 -18.25 20.69
CA CYS D 259 1.64 -18.42 19.36
C CYS D 259 1.84 -17.05 18.72
N HIS D 260 3.01 -16.85 18.11
CA HIS D 260 3.36 -15.58 17.48
C HIS D 260 3.59 -15.79 15.99
N VAL D 261 2.88 -15.01 15.18
CA VAL D 261 2.95 -15.11 13.72
C VAL D 261 3.50 -13.79 13.19
N GLN D 262 4.53 -13.88 12.35
CA GLN D 262 5.14 -12.70 11.73
C GLN D 262 5.09 -12.87 10.22
N HIS D 263 4.55 -11.86 9.53
CA HIS D 263 4.43 -11.91 8.09
C HIS D 263 4.43 -10.49 7.55
N GLU D 264 4.85 -10.35 6.28
CA GLU D 264 4.91 -9.04 5.65
C GLU D 264 3.52 -8.42 5.50
N GLY D 265 2.50 -9.23 5.27
CA GLY D 265 1.14 -8.76 5.09
C GLY D 265 0.40 -8.40 6.35
N LEU D 266 1.02 -8.56 7.52
CA LEU D 266 0.37 -8.22 8.77
C LEU D 266 0.83 -6.86 9.25
N PRO D 267 -0.10 -5.94 9.56
CA PRO D 267 0.34 -4.65 10.13
C PRO D 267 1.07 -4.81 11.45
N LYS D 268 0.57 -5.68 12.33
CA LYS D 268 1.20 -5.98 13.60
C LYS D 268 1.33 -7.48 13.75
N PRO D 269 2.35 -7.95 14.49
CA PRO D 269 2.50 -9.40 14.70
C PRO D 269 1.35 -9.95 15.52
N LEU D 270 0.77 -11.06 15.05
CA LEU D 270 -0.35 -11.68 15.72
C LEU D 270 0.10 -12.47 16.94
N THR D 271 -0.71 -12.48 17.98
CA THR D 271 -0.48 -13.27 19.18
C THR D 271 -1.74 -14.08 19.46
N LEU D 272 -1.64 -15.40 19.29
CA LEU D 272 -2.78 -16.29 19.45
C LEU D 272 -2.76 -16.98 20.81
N ARG D 273 -3.93 -17.19 21.38
CA ARG D 273 -4.09 -17.91 22.64
C ARG D 273 -5.23 -18.91 22.50
N TRP D 274 -5.24 -19.91 23.37
CA TRP D 274 -6.33 -20.87 23.42
C TRP D 274 -7.35 -20.54 24.50
N GLU D 275 -7.03 -19.64 25.42
CA GLU D 275 -7.95 -19.24 26.48
C GLU D 275 -9.16 -18.52 25.90
N MET E 1 27.97 -39.77 -5.53
CA MET E 1 27.18 -38.55 -5.47
C MET E 1 26.34 -38.48 -4.19
N ILE E 2 26.10 -37.27 -3.70
CA ILE E 2 25.32 -37.11 -2.48
C ILE E 2 23.85 -37.38 -2.77
N GLN E 3 23.19 -38.06 -1.85
CA GLN E 3 21.77 -38.40 -1.97
C GLN E 3 21.07 -38.06 -0.66
N ARG E 4 19.92 -37.42 -0.75
CA ARG E 4 19.15 -36.99 0.41
C ARG E 4 17.79 -37.67 0.40
N THR E 5 17.32 -38.07 1.58
CA THR E 5 16.01 -38.71 1.67
C THR E 5 14.91 -37.66 1.53
N PRO E 6 13.84 -37.96 0.80
CA PRO E 6 12.77 -36.98 0.63
C PRO E 6 11.96 -36.80 1.90
N LYS E 7 11.40 -35.60 2.06
CA LYS E 7 10.50 -35.29 3.15
C LYS E 7 9.08 -35.12 2.61
N ILE E 8 8.13 -35.81 3.23
CA ILE E 8 6.78 -35.92 2.71
C ILE E 8 5.83 -35.12 3.59
N GLN E 9 4.87 -34.46 2.97
CA GLN E 9 3.78 -33.79 3.66
C GLN E 9 2.50 -34.00 2.88
N VAL E 10 1.54 -34.68 3.50
CA VAL E 10 0.24 -34.94 2.89
C VAL E 10 -0.79 -34.02 3.53
N TYR E 11 -1.48 -33.24 2.70
CA TYR E 11 -2.41 -32.23 3.21
C TYR E 11 -3.38 -31.87 2.09
N SER E 12 -4.26 -30.92 2.37
CA SER E 12 -5.28 -30.47 1.43
C SER E 12 -5.16 -28.97 1.19
N ARG E 13 -5.63 -28.52 0.03
CA ARG E 13 -5.54 -27.11 -0.32
C ARG E 13 -6.40 -26.27 0.61
N HIS E 14 -7.65 -26.66 0.80
CA HIS E 14 -8.57 -26.00 1.72
C HIS E 14 -8.82 -26.88 2.94
N PRO E 15 -9.28 -26.29 4.05
CA PRO E 15 -9.66 -27.11 5.20
C PRO E 15 -10.69 -28.16 4.81
N ALA E 16 -10.42 -29.40 5.20
CA ALA E 16 -11.24 -30.53 4.78
C ALA E 16 -12.66 -30.41 5.32
N GLU E 17 -13.63 -30.35 4.41
CA GLU E 17 -15.05 -30.37 4.75
C GLU E 17 -15.71 -31.48 3.93
N ASN E 18 -16.31 -32.44 4.63
CA ASN E 18 -16.91 -33.60 3.96
C ASN E 18 -18.04 -33.16 3.04
N GLY E 19 -17.93 -33.54 1.76
CA GLY E 19 -18.95 -33.25 0.78
C GLY E 19 -18.59 -32.17 -0.21
N LYS E 20 -17.51 -31.41 0.02
CA LYS E 20 -17.08 -30.37 -0.88
C LYS E 20 -15.75 -30.77 -1.54
N SER E 21 -15.59 -30.35 -2.79
CA SER E 21 -14.40 -30.69 -3.55
C SER E 21 -13.18 -29.92 -3.03
N ASN E 22 -12.02 -30.55 -3.12
CA ASN E 22 -10.77 -29.95 -2.67
C ASN E 22 -9.63 -30.56 -3.46
N PHE E 23 -8.40 -30.21 -3.09
CA PHE E 23 -7.20 -30.72 -3.73
C PHE E 23 -6.33 -31.40 -2.69
N LEU E 24 -5.96 -32.65 -2.96
CA LEU E 24 -5.11 -33.44 -2.08
C LEU E 24 -3.66 -33.27 -2.52
N ASN E 25 -2.85 -32.66 -1.66
CA ASN E 25 -1.46 -32.34 -1.99
C ASN E 25 -0.51 -33.30 -1.30
N CYS E 26 0.60 -33.60 -1.98
CA CYS E 26 1.70 -34.37 -1.41
C CYS E 26 3.00 -33.65 -1.79
N TYR E 27 3.60 -32.98 -0.81
CA TYR E 27 4.75 -32.12 -1.04
C TYR E 27 6.04 -32.87 -0.69
N VAL E 28 6.80 -33.22 -1.72
CA VAL E 28 8.08 -33.91 -1.57
C VAL E 28 9.18 -32.87 -1.65
N SER E 29 10.02 -32.79 -0.62
CA SER E 29 11.05 -31.76 -0.54
C SER E 29 12.32 -32.33 0.09
N GLY E 30 13.45 -31.76 -0.31
CA GLY E 30 14.74 -32.11 0.27
C GLY E 30 15.30 -33.45 -0.18
N PHE E 31 15.14 -33.80 -1.45
CA PHE E 31 15.60 -35.08 -1.98
C PHE E 31 16.59 -34.85 -3.11
N HIS E 32 17.37 -35.89 -3.39
CA HIS E 32 18.35 -35.88 -4.48
C HIS E 32 18.76 -37.31 -4.80
N PRO E 33 18.79 -37.72 -6.07
CA PRO E 33 18.50 -36.88 -7.25
C PRO E 33 17.01 -36.67 -7.52
N SER E 34 16.68 -36.24 -8.74
CA SER E 34 15.31 -35.89 -9.08
C SER E 34 14.45 -37.09 -9.46
N ASP E 35 15.06 -38.21 -9.86
CA ASP E 35 14.32 -39.39 -10.25
C ASP E 35 13.58 -39.95 -9.04
N ILE E 36 12.27 -39.78 -9.00
CA ILE E 36 11.46 -40.17 -7.85
C ILE E 36 10.04 -40.49 -8.34
N GLU E 37 9.41 -41.47 -7.69
CA GLU E 37 8.04 -41.86 -8.00
C GLU E 37 7.13 -41.47 -6.85
N VAL E 38 6.07 -40.73 -7.16
CA VAL E 38 5.11 -40.26 -6.17
C VAL E 38 3.71 -40.57 -6.68
N ASP E 39 2.97 -41.38 -5.94
CA ASP E 39 1.61 -41.75 -6.30
C ASP E 39 0.68 -41.48 -5.12
N LEU E 40 -0.51 -40.95 -5.42
CA LEU E 40 -1.51 -40.69 -4.40
C LEU E 40 -2.49 -41.87 -4.32
N LEU E 41 -2.86 -42.22 -3.10
CA LEU E 41 -3.66 -43.42 -2.84
C LEU E 41 -5.00 -43.04 -2.23
N LYS E 42 -6.04 -43.74 -2.65
CA LYS E 42 -7.38 -43.60 -2.08
C LYS E 42 -7.85 -44.99 -1.64
N ASN E 43 -7.87 -45.22 -0.33
CA ASN E 43 -8.22 -46.52 0.24
C ASN E 43 -7.29 -47.63 -0.24
N GLY E 44 -6.04 -47.28 -0.52
CA GLY E 44 -5.05 -48.23 -0.98
C GLY E 44 -4.87 -48.29 -2.49
N GLU E 45 -5.85 -47.80 -3.26
CA GLU E 45 -5.78 -47.85 -4.71
C GLU E 45 -5.11 -46.60 -5.26
N ARG E 46 -4.37 -46.77 -6.35
CA ARG E 46 -3.67 -45.66 -6.97
C ARG E 46 -4.66 -44.76 -7.71
N ILE E 47 -4.45 -43.45 -7.58
CA ILE E 47 -5.28 -42.46 -8.26
C ILE E 47 -4.67 -42.17 -9.62
N GLU E 48 -5.49 -42.25 -10.66
CA GLU E 48 -5.00 -42.08 -12.03
C GLU E 48 -4.73 -40.61 -12.35
N LYS E 49 -5.75 -39.76 -12.22
CA LYS E 49 -5.67 -38.35 -12.60
C LYS E 49 -4.88 -37.59 -11.55
N VAL E 50 -3.56 -37.64 -11.68
CA VAL E 50 -2.63 -36.99 -10.75
C VAL E 50 -1.66 -36.14 -11.56
N GLU E 51 -1.58 -34.86 -11.24
CA GLU E 51 -0.65 -33.93 -11.87
C GLU E 51 0.40 -33.48 -10.86
N HIS E 52 1.53 -33.00 -11.38
CA HIS E 52 2.62 -32.52 -10.56
C HIS E 52 3.14 -31.20 -11.11
N SER E 53 3.90 -30.49 -10.29
CA SER E 53 4.45 -29.21 -10.67
C SER E 53 5.74 -29.39 -11.46
N ASP E 54 6.37 -28.27 -11.79
CA ASP E 54 7.66 -28.31 -12.48
C ASP E 54 8.80 -28.50 -11.48
N LEU E 55 9.81 -29.23 -11.91
CA LEU E 55 10.95 -29.53 -11.04
C LEU E 55 11.71 -28.24 -10.73
N SER E 56 12.06 -28.08 -9.46
CA SER E 56 12.91 -26.97 -9.02
C SER E 56 13.62 -27.40 -7.75
N PHE E 57 14.62 -26.61 -7.35
CA PHE E 57 15.44 -26.93 -6.19
C PHE E 57 15.61 -25.70 -5.32
N SER E 58 16.15 -25.92 -4.13
CA SER E 58 16.37 -24.89 -3.14
C SER E 58 17.84 -24.47 -3.15
N LYS E 59 18.23 -23.66 -2.15
CA LYS E 59 19.59 -23.15 -2.09
C LYS E 59 20.60 -24.29 -2.00
N ASP E 60 20.29 -25.33 -1.23
CA ASP E 60 21.20 -26.45 -1.02
C ASP E 60 21.14 -27.50 -2.13
N TRP E 61 20.61 -27.13 -3.30
CA TRP E 61 20.56 -28.02 -4.47
C TRP E 61 19.70 -29.26 -4.22
N SER E 62 18.71 -29.14 -3.34
CA SER E 62 17.78 -30.23 -3.07
C SER E 62 16.46 -29.95 -3.76
N PHE E 63 15.97 -30.93 -4.51
CA PHE E 63 14.77 -30.73 -5.31
C PHE E 63 13.52 -30.72 -4.43
N TYR E 64 12.46 -30.12 -4.95
CA TYR E 64 11.15 -30.15 -4.31
C TYR E 64 10.08 -30.22 -5.39
N LEU E 65 9.06 -31.04 -5.15
CA LEU E 65 8.01 -31.26 -6.13
C LEU E 65 6.69 -31.45 -5.41
N LEU E 66 5.60 -31.02 -6.05
CA LEU E 66 4.27 -31.05 -5.45
C LEU E 66 3.34 -31.86 -6.34
N TYR E 67 2.83 -32.97 -5.79
CA TYR E 67 1.85 -33.82 -6.48
C TYR E 67 0.46 -33.55 -5.91
N TYR E 68 -0.47 -33.19 -6.78
CA TYR E 68 -1.80 -32.77 -6.37
C TYR E 68 -2.85 -33.42 -7.26
N THR E 69 -4.06 -33.57 -6.71
CA THR E 69 -5.21 -34.05 -7.45
C THR E 69 -6.47 -33.54 -6.78
N GLU E 70 -7.54 -33.43 -7.57
CA GLU E 70 -8.82 -32.96 -7.08
C GLU E 70 -9.62 -34.14 -6.52
N PHE E 71 -10.20 -33.95 -5.33
CA PHE E 71 -10.96 -35.00 -4.69
C PHE E 71 -12.04 -34.38 -3.82
N THR E 72 -12.90 -35.25 -3.27
CA THR E 72 -13.94 -34.84 -2.33
C THR E 72 -13.88 -35.76 -1.12
N PRO E 73 -13.37 -35.28 0.02
CA PRO E 73 -13.21 -36.17 1.18
C PRO E 73 -14.54 -36.46 1.85
N THR E 74 -14.59 -37.61 2.51
CA THR E 74 -15.76 -38.05 3.28
C THR E 74 -15.28 -38.54 4.64
N GLU E 75 -16.24 -38.94 5.48
CA GLU E 75 -15.89 -39.42 6.81
C GLU E 75 -15.23 -40.79 6.78
N LYS E 76 -15.44 -41.56 5.71
CA LYS E 76 -14.93 -42.92 5.63
C LYS E 76 -13.76 -43.09 4.67
N ASP E 77 -13.61 -42.22 3.68
CA ASP E 77 -12.53 -42.37 2.72
C ASP E 77 -11.19 -42.00 3.36
N GLU E 78 -10.20 -42.89 3.19
CA GLU E 78 -8.87 -42.71 3.73
C GLU E 78 -7.88 -42.52 2.58
N TYR E 79 -7.11 -41.44 2.63
CA TYR E 79 -6.18 -41.08 1.57
C TYR E 79 -4.75 -41.11 2.09
N ALA E 80 -3.82 -41.38 1.17
CA ALA E 80 -2.40 -41.48 1.54
C ALA E 80 -1.56 -41.17 0.30
N CYS E 81 -0.27 -40.93 0.56
CA CYS E 81 0.71 -40.63 -0.48
C CYS E 81 1.83 -41.66 -0.41
N ARG E 82 2.08 -42.34 -1.54
CA ARG E 82 3.11 -43.36 -1.65
C ARG E 82 4.28 -42.79 -2.46
N VAL E 83 5.47 -42.77 -1.85
CA VAL E 83 6.66 -42.20 -2.47
C VAL E 83 7.78 -43.24 -2.39
N ASN E 84 8.42 -43.51 -3.52
CA ASN E 84 9.56 -44.41 -3.58
C ASN E 84 10.74 -43.66 -4.18
N HIS E 85 11.88 -43.70 -3.49
CA HIS E 85 13.09 -43.03 -3.94
C HIS E 85 14.26 -43.99 -3.82
N VAL E 86 15.39 -43.59 -4.40
CA VAL E 86 16.61 -44.40 -4.33
C VAL E 86 17.16 -44.45 -2.91
N THR E 87 16.83 -43.46 -2.08
CA THR E 87 17.35 -43.37 -0.72
C THR E 87 16.50 -44.14 0.29
N LEU E 88 15.47 -44.86 -0.17
CA LEU E 88 14.59 -45.61 0.71
C LEU E 88 14.61 -47.07 0.31
N SER E 89 14.75 -47.95 1.30
CA SER E 89 14.70 -49.39 1.04
C SER E 89 13.29 -49.81 0.65
N GLN E 90 12.32 -49.57 1.52
CA GLN E 90 10.93 -49.89 1.28
C GLN E 90 10.15 -48.60 0.99
N PRO E 91 9.26 -48.63 0.00
CA PRO E 91 8.49 -47.41 -0.32
C PRO E 91 7.65 -46.95 0.87
N LYS E 92 7.85 -45.69 1.27
CA LYS E 92 7.14 -45.13 2.40
C LYS E 92 5.76 -44.64 1.97
N ILE E 93 4.79 -44.78 2.87
CA ILE E 93 3.42 -44.35 2.64
C ILE E 93 3.00 -43.48 3.83
N VAL E 94 2.55 -42.27 3.55
CA VAL E 94 2.11 -41.33 4.57
C VAL E 94 0.62 -41.09 4.39
N LYS E 95 -0.16 -41.41 5.42
CA LYS E 95 -1.60 -41.24 5.36
C LYS E 95 -1.97 -39.78 5.58
N TRP E 96 -3.08 -39.36 4.96
CA TRP E 96 -3.53 -37.98 5.03
C TRP E 96 -4.29 -37.74 6.32
N ASP E 97 -3.84 -36.75 7.10
CA ASP E 97 -4.49 -36.36 8.34
C ASP E 97 -5.19 -35.02 8.12
N ARG E 98 -6.45 -34.93 8.56
CA ARG E 98 -7.23 -33.71 8.39
C ARG E 98 -6.69 -32.54 9.19
N ASP E 99 -5.81 -32.79 10.16
CA ASP E 99 -5.24 -31.73 10.99
C ASP E 99 -3.72 -31.67 10.86
N MET E 100 -3.17 -32.15 9.75
CA MET E 100 -1.73 -32.06 9.51
C MET E 100 -1.42 -31.60 8.09
N LEU F 1 14.14 -11.70 -18.50
CA LEU F 1 15.07 -12.18 -19.52
C LEU F 1 16.07 -13.17 -18.96
N LEU F 2 16.51 -14.10 -19.79
CA LEU F 2 17.62 -14.97 -19.44
C LEU F 2 18.94 -14.35 -19.90
N PHE F 3 20.03 -14.99 -19.50
CA PHE F 3 21.36 -14.55 -19.90
C PHE F 3 21.64 -15.01 -21.33
N GLY F 4 21.98 -14.06 -22.20
CA GLY F 4 22.17 -14.37 -23.60
C GLY F 4 23.52 -15.00 -23.92
N TYR F 5 24.58 -14.44 -23.35
CA TYR F 5 25.94 -14.87 -23.63
C TYR F 5 26.12 -16.35 -23.27
N PRO F 6 26.49 -17.21 -24.21
CA PRO F 6 26.62 -18.63 -23.90
C PRO F 6 27.81 -18.92 -23.00
N VAL F 7 27.60 -19.77 -22.01
CA VAL F 7 28.62 -20.13 -21.03
C VAL F 7 28.79 -21.65 -21.07
N TYR F 8 30.05 -22.09 -21.16
CA TYR F 8 30.38 -23.51 -21.16
C TYR F 8 31.26 -23.82 -19.95
N VAL F 9 31.20 -25.07 -19.50
CA VAL F 9 32.02 -25.52 -18.39
C VAL F 9 33.26 -26.26 -18.91
N GLU G 1 -9.16 -11.64 -22.51
CA GLU G 1 -10.16 -11.91 -23.54
C GLU G 1 -10.62 -13.35 -23.47
N VAL G 2 -11.94 -13.56 -23.53
CA VAL G 2 -12.53 -14.89 -23.50
C VAL G 2 -13.45 -15.00 -24.71
N GLU G 3 -13.06 -15.81 -25.69
CA GLU G 3 -13.87 -16.03 -26.88
C GLU G 3 -14.79 -17.22 -26.63
N GLN G 4 -16.08 -17.02 -26.87
CA GLN G 4 -17.09 -18.06 -26.66
C GLN G 4 -17.93 -18.15 -27.92
N ASN G 5 -17.67 -19.17 -28.73
CA ASN G 5 -18.45 -19.41 -29.94
C ASN G 5 -19.91 -19.55 -29.56
N SER G 6 -20.72 -18.55 -29.91
CA SER G 6 -22.05 -18.42 -29.35
C SER G 6 -23.03 -17.94 -30.40
N GLY G 7 -24.31 -18.19 -30.13
CA GLY G 7 -25.41 -17.82 -30.98
C GLY G 7 -26.64 -18.54 -30.45
N PRO G 8 -27.82 -18.18 -30.96
CA PRO G 8 -29.02 -18.91 -30.53
C PRO G 8 -28.93 -20.37 -30.94
N LEU G 9 -28.76 -21.26 -29.96
CA LEU G 9 -28.47 -22.66 -30.20
C LEU G 9 -29.72 -23.48 -29.89
N SER G 10 -30.49 -23.79 -30.94
CA SER G 10 -31.71 -24.58 -30.77
C SER G 10 -31.32 -26.04 -30.53
N VAL G 11 -31.66 -26.54 -29.35
CA VAL G 11 -31.39 -27.91 -28.96
C VAL G 11 -32.72 -28.60 -28.67
N PRO G 12 -33.07 -29.67 -29.38
CA PRO G 12 -34.33 -30.36 -29.09
C PRO G 12 -34.33 -30.95 -27.68
N GLU G 13 -35.54 -31.19 -27.17
CA GLU G 13 -35.70 -31.71 -25.83
C GLU G 13 -35.15 -33.14 -25.76
N GLY G 14 -34.15 -33.35 -24.90
CA GLY G 14 -33.52 -34.64 -24.75
C GLY G 14 -32.20 -34.80 -25.48
N ALA G 15 -31.81 -33.82 -26.29
CA ALA G 15 -30.56 -33.87 -27.02
C ALA G 15 -29.42 -33.41 -26.11
N ILE G 16 -28.23 -33.25 -26.68
CA ILE G 16 -27.03 -32.86 -25.95
C ILE G 16 -26.70 -31.43 -26.35
N ALA G 17 -26.83 -30.50 -25.41
CA ALA G 17 -26.43 -29.12 -25.64
C ALA G 17 -24.90 -29.02 -25.51
N SER G 18 -24.24 -28.65 -26.60
CA SER G 18 -22.79 -28.58 -26.65
C SER G 18 -22.37 -27.12 -26.75
N LEU G 19 -21.61 -26.66 -25.75
CA LEU G 19 -21.09 -25.30 -25.72
C LEU G 19 -19.56 -25.34 -25.67
N ASN G 20 -18.93 -24.41 -26.38
CA ASN G 20 -17.47 -24.35 -26.44
C ASN G 20 -17.00 -22.95 -26.06
N CYS G 21 -15.80 -22.89 -25.47
CA CYS G 21 -15.26 -21.63 -24.98
C CYS G 21 -13.74 -21.69 -25.05
N THR G 22 -13.13 -20.63 -25.59
CA THR G 22 -11.68 -20.54 -25.71
C THR G 22 -11.18 -19.29 -25.00
N TYR G 23 -10.07 -19.42 -24.28
CA TYR G 23 -9.51 -18.32 -23.50
C TYR G 23 -8.11 -17.99 -24.02
N SER G 24 -7.70 -16.73 -23.86
CA SER G 24 -6.43 -16.28 -24.41
C SER G 24 -5.28 -16.34 -23.40
N ILE G 25 -5.56 -16.11 -22.12
CA ILE G 25 -4.53 -16.16 -21.08
C ILE G 25 -4.21 -17.64 -20.83
N ARG G 26 -3.08 -18.11 -21.36
CA ARG G 26 -2.73 -19.52 -21.27
C ARG G 26 -2.49 -19.94 -19.82
N SER G 27 -1.99 -19.04 -18.99
CA SER G 27 -1.65 -19.35 -17.61
C SER G 27 -2.87 -19.38 -16.68
N SER G 28 -4.08 -19.38 -17.22
CA SER G 28 -5.27 -19.49 -16.38
C SER G 28 -5.30 -20.87 -15.72
N THR G 29 -5.78 -20.89 -14.48
CA THR G 29 -5.81 -22.13 -13.70
C THR G 29 -7.22 -22.58 -13.32
N SER G 30 -8.15 -21.66 -13.10
CA SER G 30 -9.51 -21.98 -12.70
C SER G 30 -10.48 -21.63 -13.82
N PHE G 31 -11.47 -22.51 -14.04
CA PHE G 31 -12.42 -22.36 -15.13
C PHE G 31 -13.82 -22.63 -14.61
N PHE G 32 -14.76 -21.76 -14.98
CA PHE G 32 -16.12 -21.82 -14.45
C PHE G 32 -17.14 -21.76 -15.58
N TRP G 33 -18.32 -22.28 -15.30
CA TRP G 33 -19.48 -22.17 -16.18
C TRP G 33 -20.63 -21.58 -15.37
N TYR G 34 -21.11 -20.42 -15.78
CA TYR G 34 -22.19 -19.72 -15.10
C TYR G 34 -23.44 -19.75 -15.96
N ARG G 35 -24.57 -20.09 -15.35
CA ARG G 35 -25.87 -20.02 -16.00
C ARG G 35 -26.58 -18.76 -15.55
N GLN G 36 -27.25 -18.08 -16.48
CA GLN G 36 -27.95 -16.84 -16.19
C GLN G 36 -29.26 -16.83 -16.95
N TYR G 37 -30.38 -17.01 -16.24
CA TYR G 37 -31.68 -16.92 -16.87
C TYR G 37 -32.01 -15.47 -17.20
N SER G 38 -32.92 -15.29 -18.16
CA SER G 38 -33.28 -13.95 -18.63
C SER G 38 -33.90 -13.13 -17.52
N GLY G 39 -33.19 -12.09 -17.08
CA GLY G 39 -33.63 -11.22 -16.02
C GLY G 39 -33.05 -11.53 -14.65
N LYS G 40 -32.49 -12.72 -14.48
CA LYS G 40 -31.89 -13.13 -13.22
C LYS G 40 -30.38 -12.86 -13.23
N SER G 41 -29.69 -13.36 -12.22
CA SER G 41 -28.26 -13.20 -12.05
C SER G 41 -27.51 -14.48 -12.39
N PRO G 42 -26.24 -14.39 -12.78
CA PRO G 42 -25.48 -15.60 -13.08
C PRO G 42 -25.27 -16.45 -11.83
N GLU G 43 -25.42 -17.76 -12.00
CA GLU G 43 -25.22 -18.72 -10.92
C GLU G 43 -24.20 -19.76 -11.35
N LEU G 44 -23.36 -20.17 -10.42
CA LEU G 44 -22.34 -21.17 -10.72
C LEU G 44 -22.97 -22.55 -10.86
N ILE G 45 -22.69 -23.21 -11.97
CA ILE G 45 -23.19 -24.56 -12.19
C ILE G 45 -22.07 -25.59 -12.37
N MET G 46 -20.84 -25.17 -12.69
CA MET G 46 -19.75 -26.11 -12.91
C MET G 46 -18.43 -25.36 -12.84
N SER G 47 -17.46 -25.93 -12.12
CA SER G 47 -16.12 -25.37 -12.03
C SER G 47 -15.11 -26.51 -12.16
N ILE G 48 -14.19 -26.38 -13.11
CA ILE G 48 -13.20 -27.42 -13.38
C ILE G 48 -11.81 -26.80 -13.31
N TYR G 49 -10.88 -27.53 -12.68
CA TYR G 49 -9.51 -27.05 -12.50
C TYR G 49 -8.46 -27.98 -13.09
N SER G 50 -8.73 -29.28 -13.16
CA SER G 50 -7.78 -30.25 -13.68
C SER G 50 -8.07 -30.55 -15.15
N ASN G 51 -7.00 -30.85 -15.89
CA ASN G 51 -7.12 -31.14 -17.32
C ASN G 51 -7.85 -32.46 -17.51
N GLY G 52 -9.02 -32.42 -18.12
CA GLY G 52 -9.81 -33.61 -18.36
C GLY G 52 -11.30 -33.28 -18.34
N ASP G 53 -12.09 -34.29 -17.99
CA ASP G 53 -13.53 -34.18 -17.91
C ASP G 53 -14.00 -34.20 -16.46
N LYS G 54 -15.18 -33.61 -16.23
CA LYS G 54 -15.75 -33.55 -14.89
C LYS G 54 -17.27 -33.56 -15.01
N GLU G 55 -17.91 -34.45 -14.28
CA GLU G 55 -19.36 -34.66 -14.36
C GLU G 55 -20.01 -34.36 -13.02
N ASP G 56 -21.12 -33.63 -13.07
CA ASP G 56 -21.93 -33.36 -11.87
C ASP G 56 -23.37 -33.24 -12.34
N GLY G 57 -24.16 -34.28 -12.07
CA GLY G 57 -25.54 -34.31 -12.53
C GLY G 57 -25.61 -34.50 -14.03
N ARG G 58 -26.46 -33.71 -14.68
CA ARG G 58 -26.60 -33.72 -16.13
C ARG G 58 -25.58 -32.83 -16.84
N PHE G 59 -24.76 -32.11 -16.08
CA PHE G 59 -23.74 -31.26 -16.68
C PHE G 59 -22.42 -31.99 -16.77
N THR G 60 -21.69 -31.76 -17.87
CA THR G 60 -20.36 -32.32 -18.07
C THR G 60 -19.47 -31.24 -18.67
N ALA G 61 -18.35 -30.97 -18.00
CA ALA G 61 -17.40 -29.96 -18.46
C ALA G 61 -16.10 -30.65 -18.87
N GLN G 62 -15.56 -30.24 -20.01
CA GLN G 62 -14.29 -30.75 -20.52
C GLN G 62 -13.28 -29.61 -20.55
N LEU G 63 -12.02 -29.95 -20.27
CA LEU G 63 -10.94 -28.98 -20.25
C LEU G 63 -9.76 -29.50 -21.06
N ASN G 64 -9.15 -28.60 -21.83
CA ASN G 64 -7.95 -28.92 -22.62
C ASN G 64 -7.05 -27.69 -22.56
N LYS G 65 -6.12 -27.68 -21.60
CA LYS G 65 -5.21 -26.56 -21.46
C LYS G 65 -4.22 -26.47 -22.61
N ALA G 66 -3.99 -27.58 -23.32
CA ALA G 66 -3.12 -27.52 -24.51
C ALA G 66 -3.77 -26.69 -25.60
N SER G 67 -4.98 -27.04 -26.01
CA SER G 67 -5.71 -26.27 -27.00
C SER G 67 -6.34 -25.01 -26.42
N GLN G 68 -6.29 -24.83 -25.09
CA GLN G 68 -6.82 -23.65 -24.42
C GLN G 68 -8.30 -23.46 -24.71
N TYR G 69 -9.08 -24.52 -24.48
CA TYR G 69 -10.53 -24.43 -24.65
C TYR G 69 -11.21 -25.31 -23.61
N VAL G 70 -12.36 -24.82 -23.12
CA VAL G 70 -13.18 -25.54 -22.15
C VAL G 70 -14.59 -25.66 -22.73
N SER G 71 -15.18 -26.84 -22.58
CA SER G 71 -16.50 -27.11 -23.14
C SER G 71 -17.50 -27.40 -22.01
N LEU G 72 -18.79 -27.35 -22.38
CA LEU G 72 -19.87 -27.68 -21.46
C LEU G 72 -20.90 -28.52 -22.20
N LEU G 73 -21.22 -29.68 -21.64
CA LEU G 73 -22.21 -30.58 -22.20
C LEU G 73 -23.38 -30.70 -21.24
N ILE G 74 -24.59 -30.60 -21.78
CA ILE G 74 -25.81 -30.71 -20.98
C ILE G 74 -26.48 -32.01 -21.40
N ARG G 75 -26.33 -33.04 -20.56
CA ARG G 75 -26.96 -34.33 -20.81
C ARG G 75 -28.46 -34.24 -20.57
N ASP G 76 -29.25 -34.77 -21.50
CA ASP G 76 -30.71 -34.78 -21.40
C ASP G 76 -31.26 -33.35 -21.25
N SER G 77 -31.06 -32.55 -22.30
CA SER G 77 -31.51 -31.17 -22.27
C SER G 77 -33.01 -31.08 -22.06
N GLN G 78 -33.43 -30.16 -21.18
CA GLN G 78 -34.82 -29.93 -20.84
C GLN G 78 -35.15 -28.47 -21.02
N PRO G 79 -36.43 -28.13 -21.17
CA PRO G 79 -36.80 -26.71 -21.32
C PRO G 79 -36.42 -25.85 -20.14
N SER G 80 -36.23 -26.43 -18.95
CA SER G 80 -35.78 -25.67 -17.79
C SER G 80 -34.33 -25.24 -17.89
N ASP G 81 -33.58 -25.75 -18.87
CA ASP G 81 -32.18 -25.39 -19.07
C ASP G 81 -32.01 -24.22 -20.04
N SER G 82 -33.10 -23.69 -20.58
CA SER G 82 -33.03 -22.64 -21.59
C SER G 82 -32.57 -21.34 -20.95
N ALA G 83 -31.28 -21.04 -21.09
CA ALA G 83 -30.69 -19.83 -20.52
C ALA G 83 -29.39 -19.53 -21.24
N THR G 84 -28.77 -18.42 -20.86
CA THR G 84 -27.48 -18.01 -21.39
C THR G 84 -26.37 -18.50 -20.46
N TYR G 85 -25.44 -19.28 -21.00
CA TYR G 85 -24.38 -19.88 -20.20
C TYR G 85 -23.08 -19.12 -20.42
N LEU G 86 -22.46 -18.69 -19.32
CA LEU G 86 -21.29 -17.84 -19.35
C LEU G 86 -20.03 -18.65 -19.04
N CYS G 87 -18.93 -18.26 -19.67
CA CYS G 87 -17.63 -18.90 -19.51
C CYS G 87 -16.72 -17.97 -18.71
N ALA G 88 -16.12 -18.50 -17.65
CA ALA G 88 -15.29 -17.70 -16.76
C ALA G 88 -13.94 -18.37 -16.57
N VAL G 89 -12.88 -17.55 -16.61
CA VAL G 89 -11.52 -18.03 -16.37
C VAL G 89 -10.83 -17.02 -15.44
N THR G 90 -9.83 -17.52 -14.70
CA THR G 90 -9.04 -16.65 -13.85
C THR G 90 -7.69 -17.31 -13.59
N THR G 91 -6.76 -16.50 -13.10
CA THR G 91 -5.41 -16.94 -12.78
C THR G 91 -5.25 -17.06 -11.27
N ASP G 92 -4.06 -17.49 -10.85
CA ASP G 92 -3.81 -17.68 -9.42
C ASP G 92 -3.74 -16.35 -8.69
N ARG G 93 -4.20 -16.36 -7.44
CA ARG G 93 -4.15 -15.22 -6.53
C ARG G 93 -4.84 -13.98 -7.08
N SER G 94 -5.78 -14.16 -8.01
CA SER G 94 -6.54 -13.05 -8.57
C SER G 94 -8.03 -13.34 -8.51
N GLY G 95 -8.81 -12.31 -8.21
CA GLY G 95 -10.25 -12.39 -8.23
C GLY G 95 -10.90 -11.81 -9.47
N LYS G 96 -10.10 -11.31 -10.42
CA LYS G 96 -10.62 -10.71 -11.65
C LYS G 96 -10.98 -11.84 -12.61
N LEU G 97 -12.23 -12.27 -12.57
CA LEU G 97 -12.69 -13.32 -13.46
C LEU G 97 -13.07 -12.75 -14.82
N GLN G 98 -12.52 -13.34 -15.88
CA GLN G 98 -12.80 -12.93 -17.25
C GLN G 98 -13.99 -13.74 -17.77
N PHE G 99 -15.09 -13.05 -18.06
CA PHE G 99 -16.31 -13.70 -18.52
C PHE G 99 -16.45 -13.54 -20.04
N GLY G 100 -16.93 -14.59 -20.68
CA GLY G 100 -17.21 -14.55 -22.11
C GLY G 100 -18.53 -13.88 -22.40
N ALA G 101 -18.81 -13.75 -23.70
CA ALA G 101 -20.06 -13.12 -24.13
C ALA G 101 -21.27 -13.95 -23.71
N GLY G 102 -21.10 -15.26 -23.59
CA GLY G 102 -22.19 -16.14 -23.20
C GLY G 102 -22.92 -16.74 -24.39
N THR G 103 -23.36 -17.99 -24.24
CA THR G 103 -24.08 -18.70 -25.29
C THR G 103 -25.52 -18.91 -24.82
N GLN G 104 -26.46 -18.41 -25.60
CA GLN G 104 -27.89 -18.58 -25.28
C GLN G 104 -28.37 -19.92 -25.81
N VAL G 105 -28.93 -20.73 -24.92
CA VAL G 105 -29.48 -22.04 -25.27
C VAL G 105 -30.99 -21.95 -25.23
N VAL G 106 -31.65 -22.52 -26.25
CA VAL G 106 -33.10 -22.51 -26.35
C VAL G 106 -33.55 -23.95 -26.59
N VAL G 107 -34.01 -24.61 -25.53
CA VAL G 107 -34.51 -25.98 -25.62
C VAL G 107 -36.01 -25.93 -25.91
N THR G 108 -36.42 -26.63 -26.97
CA THR G 108 -37.82 -26.59 -27.39
C THR G 108 -38.52 -27.87 -26.97
N PRO G 109 -39.71 -27.77 -26.35
CA PRO G 109 -40.44 -28.98 -25.98
C PRO G 109 -41.01 -29.73 -27.19
N ASP G 110 -41.77 -30.78 -26.93
CA ASP G 110 -42.39 -31.61 -27.98
C ASP G 110 -41.36 -32.35 -28.82
N ALA H 1 -29.18 -15.93 -2.45
CA ALA H 1 -27.90 -15.78 -3.13
C ALA H 1 -26.79 -15.40 -2.15
N GLY H 2 -27.10 -14.51 -1.21
CA GLY H 2 -26.17 -14.02 -0.22
C GLY H 2 -25.76 -12.58 -0.44
N VAL H 3 -25.67 -12.14 -1.70
CA VAL H 3 -25.33 -10.76 -2.04
C VAL H 3 -26.62 -10.02 -2.37
N THR H 4 -26.72 -8.77 -1.91
CA THR H 4 -27.91 -7.97 -2.11
C THR H 4 -27.53 -6.60 -2.67
N GLN H 5 -28.33 -6.12 -3.61
CA GLN H 5 -28.19 -4.78 -4.19
C GLN H 5 -29.50 -4.02 -4.02
N THR H 6 -29.40 -2.73 -3.69
CA THR H 6 -30.58 -1.96 -3.33
C THR H 6 -31.41 -1.53 -4.53
N PRO H 7 -30.84 -0.84 -5.55
CA PRO H 7 -31.68 -0.34 -6.65
C PRO H 7 -31.98 -1.44 -7.65
N LYS H 8 -33.25 -1.85 -7.72
CA LYS H 8 -33.65 -2.86 -8.70
C LYS H 8 -33.95 -2.22 -10.06
N PHE H 9 -34.76 -1.16 -10.06
CA PHE H 9 -35.15 -0.47 -11.29
C PHE H 9 -35.14 1.02 -11.01
N GLN H 10 -34.19 1.74 -11.62
CA GLN H 10 -34.06 3.17 -11.42
C GLN H 10 -33.83 3.87 -12.75
N VAL H 11 -34.53 4.97 -12.97
CA VAL H 11 -34.38 5.80 -14.17
C VAL H 11 -33.52 7.00 -13.80
N LEU H 12 -32.62 7.38 -14.71
CA LEU H 12 -31.70 8.48 -14.47
C LEU H 12 -31.81 9.52 -15.58
N LYS H 13 -31.16 10.66 -15.36
CA LYS H 13 -31.06 11.75 -16.31
C LYS H 13 -29.60 11.98 -16.67
N THR H 14 -29.35 13.01 -17.48
CA THR H 14 -27.99 13.36 -17.89
C THR H 14 -27.36 14.22 -16.81
N GLY H 15 -26.61 13.59 -15.90
CA GLY H 15 -25.97 14.28 -14.80
C GLY H 15 -26.44 13.85 -13.42
N GLN H 16 -27.50 13.05 -13.33
CA GLN H 16 -28.00 12.59 -12.04
C GLN H 16 -26.99 11.61 -11.45
N SER H 17 -26.30 12.02 -10.38
CA SER H 17 -25.21 11.25 -9.80
C SER H 17 -25.78 10.36 -8.69
N MET H 18 -26.21 9.16 -9.07
CA MET H 18 -26.68 8.17 -8.11
C MET H 18 -25.57 7.20 -7.75
N THR H 19 -25.62 6.69 -6.52
CA THR H 19 -24.67 5.70 -6.03
C THR H 19 -25.38 4.37 -5.84
N LEU H 20 -24.90 3.34 -6.53
CA LEU H 20 -25.45 1.99 -6.40
C LEU H 20 -24.90 1.32 -5.15
N GLN H 21 -25.75 0.58 -4.45
CA GLN H 21 -25.40 -0.05 -3.19
C GLN H 21 -25.26 -1.56 -3.36
N CYS H 22 -24.38 -2.15 -2.56
CA CYS H 22 -24.18 -3.58 -2.53
C CYS H 22 -23.70 -3.99 -1.15
N ALA H 23 -24.08 -5.20 -0.73
CA ALA H 23 -23.68 -5.70 0.57
C ALA H 23 -23.71 -7.22 0.55
N GLN H 24 -22.98 -7.82 1.48
CA GLN H 24 -22.97 -9.27 1.64
C GLN H 24 -22.66 -9.60 3.09
N ASP H 25 -23.37 -10.60 3.63
CA ASP H 25 -23.22 -11.01 5.02
C ASP H 25 -22.39 -12.28 5.17
N MET H 26 -21.40 -12.47 4.30
CA MET H 26 -20.58 -13.67 4.30
C MET H 26 -19.13 -13.42 4.71
N ASN H 27 -18.80 -12.18 5.09
CA ASN H 27 -17.42 -11.81 5.45
C ASN H 27 -16.46 -12.10 4.30
N HIS H 28 -16.87 -11.72 3.09
CA HIS H 28 -16.02 -11.88 1.92
C HIS H 28 -15.05 -10.71 1.81
N GLU H 29 -13.81 -11.02 1.46
CA GLU H 29 -12.80 -9.98 1.29
C GLU H 29 -12.91 -9.31 -0.07
N TYR H 30 -12.93 -10.12 -1.15
CA TYR H 30 -12.95 -9.59 -2.50
C TYR H 30 -14.37 -9.28 -2.92
N MET H 31 -14.59 -8.06 -3.40
CA MET H 31 -15.84 -7.64 -4.00
C MET H 31 -15.57 -6.91 -5.30
N ALA H 32 -16.51 -7.01 -6.23
CA ALA H 32 -16.30 -6.44 -7.56
C ALA H 32 -17.63 -5.95 -8.12
N TRP H 33 -17.54 -5.02 -9.07
CA TRP H 33 -18.69 -4.50 -9.78
C TRP H 33 -18.51 -4.76 -11.28
N TYR H 34 -19.45 -5.49 -11.87
CA TYR H 34 -19.45 -5.77 -13.30
C TYR H 34 -20.62 -5.06 -13.97
N ARG H 35 -20.48 -4.85 -15.28
CA ARG H 35 -21.55 -4.34 -16.12
C ARG H 35 -21.80 -5.31 -17.26
N GLN H 36 -23.06 -5.48 -17.63
CA GLN H 36 -23.45 -6.39 -18.69
C GLN H 36 -24.13 -5.61 -19.81
N ASP H 37 -23.67 -5.82 -21.03
CA ASP H 37 -24.21 -5.13 -22.20
C ASP H 37 -24.57 -6.16 -23.26
N PRO H 38 -25.66 -5.95 -24.00
CA PRO H 38 -26.03 -6.87 -25.07
C PRO H 38 -24.93 -6.94 -26.13
N GLY H 39 -24.43 -8.14 -26.37
CA GLY H 39 -23.39 -8.38 -27.34
C GLY H 39 -22.01 -8.58 -26.75
N MET H 40 -21.77 -8.09 -25.53
CA MET H 40 -20.50 -8.26 -24.85
C MET H 40 -20.70 -9.02 -23.55
N GLY H 41 -19.61 -9.54 -23.02
CA GLY H 41 -19.64 -10.27 -21.77
C GLY H 41 -19.59 -9.33 -20.57
N LEU H 42 -19.47 -9.95 -19.40
CA LEU H 42 -19.33 -9.19 -18.17
C LEU H 42 -17.98 -8.47 -18.14
N ARG H 43 -18.03 -7.14 -18.09
CA ARG H 43 -16.82 -6.34 -18.00
C ARG H 43 -16.67 -5.81 -16.58
N LEU H 44 -15.44 -5.85 -16.08
CA LEU H 44 -15.15 -5.41 -14.72
C LEU H 44 -15.02 -3.90 -14.67
N ILE H 45 -15.76 -3.27 -13.75
CA ILE H 45 -15.69 -1.82 -13.58
C ILE H 45 -14.64 -1.52 -12.52
N HIS H 46 -14.86 -2.01 -11.30
CA HIS H 46 -13.92 -1.85 -10.21
C HIS H 46 -13.95 -3.11 -9.36
N TYR H 47 -12.96 -3.23 -8.48
CA TYR H 47 -12.89 -4.37 -7.58
C TYR H 47 -12.12 -3.97 -6.33
N SER H 48 -12.45 -4.62 -5.22
CA SER H 48 -11.79 -4.39 -3.94
C SER H 48 -11.35 -5.73 -3.37
N VAL H 49 -10.09 -5.80 -2.93
CA VAL H 49 -9.55 -7.03 -2.37
C VAL H 49 -9.52 -7.02 -0.85
N GLY H 50 -9.95 -5.93 -0.23
CA GLY H 50 -9.94 -5.83 1.21
C GLY H 50 -10.49 -4.49 1.63
N VAL H 51 -10.50 -4.29 2.96
CA VAL H 51 -11.07 -3.06 3.51
C VAL H 51 -10.18 -1.89 3.15
N GLY H 52 -10.77 -0.85 2.55
CA GLY H 52 -10.03 0.34 2.19
C GLY H 52 -9.09 0.17 1.02
N ILE H 53 -9.27 -0.86 0.21
CA ILE H 53 -8.40 -1.14 -0.93
C ILE H 53 -9.29 -1.29 -2.16
N THR H 54 -9.44 -0.21 -2.92
CA THR H 54 -10.16 -0.23 -4.18
C THR H 54 -9.18 -0.18 -5.34
N ASP H 55 -9.63 -0.63 -6.50
CA ASP H 55 -8.78 -0.67 -7.68
C ASP H 55 -9.64 -0.61 -8.93
N GLN H 56 -9.03 -0.24 -10.04
CA GLN H 56 -9.72 -0.08 -11.30
C GLN H 56 -9.69 -1.38 -12.10
N GLY H 57 -10.73 -1.59 -12.90
CA GLY H 57 -10.83 -2.76 -13.74
C GLY H 57 -10.63 -2.46 -15.21
N ASP H 58 -11.50 -3.01 -16.05
CA ASP H 58 -11.40 -2.80 -17.50
C ASP H 58 -12.13 -1.54 -17.95
N VAL H 59 -13.27 -1.23 -17.35
CA VAL H 59 -14.02 -0.02 -17.70
C VAL H 59 -14.17 0.84 -16.44
N PRO H 60 -13.10 1.50 -15.97
CA PRO H 60 -13.22 2.34 -14.78
C PRO H 60 -13.57 3.80 -15.06
N ASP H 61 -13.48 4.24 -16.31
CA ASP H 61 -13.70 5.64 -16.65
C ASP H 61 -15.15 6.02 -16.37
N GLY H 62 -15.35 6.92 -15.42
CA GLY H 62 -16.68 7.38 -15.06
C GLY H 62 -17.28 6.76 -13.83
N TYR H 63 -16.52 5.99 -13.06
CA TYR H 63 -17.03 5.33 -11.87
C TYR H 63 -16.02 5.44 -10.74
N LYS H 64 -16.53 5.58 -9.51
CA LYS H 64 -15.72 5.55 -8.30
C LYS H 64 -16.38 4.63 -7.29
N VAL H 65 -15.55 3.87 -6.56
CA VAL H 65 -16.05 2.95 -5.57
C VAL H 65 -15.38 3.25 -4.22
N SER H 66 -16.05 2.82 -3.16
CA SER H 66 -15.57 2.98 -1.79
C SER H 66 -15.70 1.65 -1.07
N ARG H 67 -14.75 1.35 -0.19
CA ARG H 67 -14.77 0.13 0.61
C ARG H 67 -14.45 0.52 2.05
N SER H 68 -15.48 0.89 2.80
CA SER H 68 -15.31 1.32 4.19
C SER H 68 -15.59 0.22 5.19
N THR H 69 -16.45 -0.74 4.83
CA THR H 69 -16.73 -1.90 5.66
C THR H 69 -16.48 -3.16 4.84
N THR H 70 -16.45 -4.29 5.53
CA THR H 70 -16.30 -5.56 4.83
C THR H 70 -17.56 -5.90 4.02
N GLU H 71 -18.71 -5.42 4.46
CA GLU H 71 -19.98 -5.75 3.82
C GLU H 71 -20.30 -4.85 2.64
N ASP H 72 -20.25 -3.54 2.85
CA ASP H 72 -20.68 -2.57 1.84
C ASP H 72 -19.56 -2.28 0.85
N PHE H 73 -19.93 -2.15 -0.43
CA PHE H 73 -19.00 -1.78 -1.49
C PHE H 73 -19.76 -1.01 -2.56
N PRO H 74 -20.10 0.25 -2.28
CA PRO H 74 -20.97 0.99 -3.18
C PRO H 74 -20.27 1.48 -4.44
N LEU H 75 -21.02 1.51 -5.54
CA LEU H 75 -20.54 2.01 -6.82
C LEU H 75 -21.16 3.38 -7.07
N ARG H 76 -20.31 4.40 -7.18
CA ARG H 76 -20.74 5.77 -7.39
C ARG H 76 -20.65 6.13 -8.86
N LEU H 77 -21.48 7.08 -9.28
CA LEU H 77 -21.50 7.59 -10.65
C LEU H 77 -21.27 9.09 -10.61
N LEU H 78 -20.17 9.53 -11.23
CA LEU H 78 -19.88 10.95 -11.29
C LEU H 78 -20.94 11.70 -12.09
N SER H 79 -21.09 11.36 -13.37
CA SER H 79 -22.10 11.94 -14.23
C SER H 79 -22.66 10.85 -15.14
N ALA H 80 -23.98 10.75 -15.21
CA ALA H 80 -24.62 9.72 -16.00
C ALA H 80 -24.53 10.05 -17.48
N ALA H 81 -24.19 9.05 -18.29
CA ALA H 81 -24.07 9.17 -19.73
C ALA H 81 -24.94 8.13 -20.41
N PRO H 82 -25.37 8.37 -21.65
CA PRO H 82 -26.17 7.36 -22.37
C PRO H 82 -25.43 6.04 -22.58
N SER H 83 -24.10 6.03 -22.45
CA SER H 83 -23.33 4.79 -22.58
C SER H 83 -23.29 3.98 -21.29
N GLN H 84 -23.74 4.55 -20.18
CA GLN H 84 -23.76 3.86 -18.90
C GLN H 84 -25.06 3.08 -18.67
N THR H 85 -25.92 2.98 -19.68
CA THR H 85 -27.18 2.26 -19.56
C THR H 85 -26.91 0.78 -19.73
N SER H 86 -26.92 0.05 -18.62
CA SER H 86 -26.67 -1.39 -18.64
C SER H 86 -27.22 -1.99 -17.34
N VAL H 87 -26.94 -3.27 -17.13
CA VAL H 87 -27.30 -3.98 -15.90
C VAL H 87 -26.03 -4.15 -15.07
N TYR H 88 -26.06 -3.65 -13.85
CA TYR H 88 -24.89 -3.63 -12.98
C TYR H 88 -25.00 -4.75 -11.95
N PHE H 89 -23.99 -5.62 -11.92
CA PHE H 89 -23.95 -6.77 -11.01
C PHE H 89 -22.83 -6.59 -9.99
N CYS H 90 -23.09 -7.11 -8.79
CA CYS H 90 -22.13 -7.09 -7.69
C CYS H 90 -21.73 -8.52 -7.37
N ALA H 91 -20.43 -8.76 -7.20
CA ALA H 91 -19.92 -10.09 -6.93
C ALA H 91 -18.96 -10.06 -5.76
N SER H 92 -18.78 -11.21 -5.12
CA SER H 92 -17.84 -11.35 -4.02
C SER H 92 -17.42 -12.80 -3.89
N ARG H 93 -16.25 -12.99 -3.28
CA ARG H 93 -15.70 -14.31 -2.98
C ARG H 93 -14.97 -14.23 -1.64
N PRO H 94 -14.84 -15.36 -0.94
CA PRO H 94 -14.30 -15.32 0.43
C PRO H 94 -12.97 -14.60 0.59
N GLY H 95 -12.05 -14.72 -0.37
CA GLY H 95 -10.76 -14.07 -0.24
C GLY H 95 -10.19 -13.67 -1.58
N ALA H 96 -9.25 -12.73 -1.53
CA ALA H 96 -8.51 -12.36 -2.73
C ALA H 96 -7.64 -13.52 -3.22
N ALA H 97 -7.17 -14.35 -2.29
CA ALA H 97 -6.38 -15.53 -2.64
C ALA H 97 -6.49 -16.54 -1.51
N GLY H 98 -6.24 -17.80 -1.85
CA GLY H 98 -6.23 -18.87 -0.87
C GLY H 98 -7.56 -19.57 -0.67
N GLY H 99 -8.65 -19.05 -1.23
CA GLY H 99 -9.94 -19.69 -1.07
C GLY H 99 -10.50 -20.17 -2.39
N ARG H 100 -11.75 -20.61 -2.39
CA ARG H 100 -12.39 -21.02 -3.63
C ARG H 100 -12.61 -19.82 -4.53
N PRO H 101 -12.12 -19.84 -5.77
CA PRO H 101 -12.20 -18.67 -6.64
C PRO H 101 -13.58 -18.43 -7.24
N GLU H 102 -14.57 -19.23 -6.87
CA GLU H 102 -15.91 -19.01 -7.39
C GLU H 102 -16.47 -17.69 -6.88
N LEU H 103 -17.25 -17.01 -7.71
CA LEU H 103 -17.85 -15.72 -7.38
C LEU H 103 -19.34 -15.89 -7.09
N TYR H 104 -19.82 -15.12 -6.10
CA TYR H 104 -21.24 -15.06 -5.76
C TYR H 104 -21.79 -13.73 -6.22
N PHE H 105 -22.81 -13.77 -7.07
CA PHE H 105 -23.36 -12.55 -7.67
C PHE H 105 -24.60 -12.08 -6.93
N GLY H 106 -24.84 -10.77 -6.99
CA GLY H 106 -26.03 -10.18 -6.42
C GLY H 106 -27.17 -10.20 -7.40
N PRO H 107 -28.33 -9.65 -7.00
CA PRO H 107 -29.50 -9.71 -7.89
C PRO H 107 -29.36 -8.87 -9.14
N GLY H 108 -28.57 -7.80 -9.10
CA GLY H 108 -28.37 -6.94 -10.24
C GLY H 108 -29.12 -5.62 -10.11
N THR H 109 -28.78 -4.70 -11.01
CA THR H 109 -29.38 -3.37 -11.02
C THR H 109 -29.49 -2.89 -12.45
N ARG H 110 -30.71 -2.71 -12.93
CA ARG H 110 -30.97 -2.19 -14.27
C ARG H 110 -31.27 -0.69 -14.18
N LEU H 111 -30.55 0.11 -14.95
CA LEU H 111 -30.76 1.54 -14.98
C LEU H 111 -30.57 2.05 -16.40
N THR H 112 -31.34 3.09 -16.73
CA THR H 112 -31.28 3.72 -18.04
C THR H 112 -31.16 5.22 -17.89
N VAL H 113 -30.53 5.86 -18.87
CA VAL H 113 -30.27 7.30 -18.86
C VAL H 113 -30.83 7.89 -20.15
N THR H 114 -31.65 8.92 -20.02
CA THR H 114 -32.26 9.57 -21.17
C THR H 114 -31.69 10.96 -21.39
N GLU I 1 -9.44 24.94 -7.59
CA GLU I 1 -9.55 25.73 -8.82
C GLU I 1 -8.91 27.10 -8.65
N VAL I 2 -8.16 27.53 -9.66
CA VAL I 2 -7.46 28.81 -9.64
C VAL I 2 -7.86 29.59 -10.88
N GLU I 3 -8.55 30.73 -10.66
CA GLU I 3 -8.99 31.60 -11.74
C GLU I 3 -8.05 32.80 -11.84
N GLN I 4 -7.67 33.15 -13.07
CA GLN I 4 -6.81 34.30 -13.31
C GLN I 4 -7.46 35.27 -14.30
N ASN I 5 -6.70 36.27 -14.75
CA ASN I 5 -7.23 37.24 -15.69
C ASN I 5 -7.60 36.57 -17.01
N SER I 6 -6.79 35.62 -17.47
CA SER I 6 -7.00 34.90 -18.74
C SER I 6 -7.13 35.88 -19.91
N GLY I 7 -6.13 36.74 -20.04
CA GLY I 7 -6.12 37.73 -21.11
C GLY I 7 -4.83 38.51 -21.14
N PRO I 8 -4.50 39.06 -22.31
CA PRO I 8 -3.25 39.83 -22.44
C PRO I 8 -3.37 41.19 -21.76
N LEU I 9 -2.56 41.40 -20.73
CA LEU I 9 -2.53 42.66 -19.98
C LEU I 9 -1.38 43.50 -20.52
N SER I 10 -1.71 44.53 -21.29
CA SER I 10 -0.71 45.41 -21.89
C SER I 10 -0.31 46.48 -20.89
N VAL I 11 0.95 46.44 -20.45
CA VAL I 11 1.49 47.37 -19.48
C VAL I 11 2.64 48.13 -20.13
N PRO I 12 2.60 49.46 -20.19
CA PRO I 12 3.72 50.21 -20.77
C PRO I 12 4.99 50.03 -19.96
N GLU I 13 6.12 50.28 -20.61
CA GLU I 13 7.43 50.13 -19.97
C GLU I 13 7.58 51.17 -18.88
N GLY I 14 7.85 50.70 -17.65
CA GLY I 14 8.00 51.57 -16.50
C GLY I 14 6.80 51.65 -15.59
N ALA I 15 5.67 51.06 -15.98
CA ALA I 15 4.46 51.06 -15.18
C ALA I 15 4.47 49.87 -14.22
N ILE I 16 3.36 49.63 -13.55
CA ILE I 16 3.22 48.55 -12.58
C ILE I 16 2.22 47.55 -13.13
N ALA I 17 2.70 46.34 -13.45
CA ALA I 17 1.83 45.27 -13.92
C ALA I 17 1.18 44.59 -12.72
N SER I 18 -0.15 44.57 -12.69
CA SER I 18 -0.92 44.01 -11.58
C SER I 18 -1.83 42.91 -12.11
N LEU I 19 -1.55 41.67 -11.72
CA LEU I 19 -2.39 40.53 -12.04
C LEU I 19 -2.68 39.75 -10.77
N ASN I 20 -3.85 39.13 -10.72
CA ASN I 20 -4.30 38.44 -9.51
C ASN I 20 -4.90 37.09 -9.88
N CYS I 21 -4.93 36.20 -8.89
CA CYS I 21 -5.56 34.90 -9.01
C CYS I 21 -6.36 34.61 -7.75
N THR I 22 -7.49 33.93 -7.92
CA THR I 22 -8.33 33.51 -6.80
C THR I 22 -8.36 32.00 -6.72
N TYR I 23 -8.20 31.48 -5.51
CA TYR I 23 -8.23 30.05 -5.26
C TYR I 23 -9.49 29.68 -4.48
N SER I 24 -9.91 28.43 -4.62
CA SER I 24 -11.14 27.92 -4.04
C SER I 24 -10.94 27.25 -2.68
N ILE I 25 -9.84 26.52 -2.51
CA ILE I 25 -9.59 25.78 -1.28
C ILE I 25 -9.16 26.77 -0.21
N ARG I 26 -10.03 27.01 0.77
CA ARG I 26 -9.75 27.99 1.82
C ARG I 26 -8.58 27.57 2.69
N SER I 27 -8.43 26.28 2.96
CA SER I 27 -7.37 25.78 3.84
C SER I 27 -6.01 25.70 3.16
N SER I 28 -5.84 26.37 2.01
CA SER I 28 -4.54 26.39 1.35
C SER I 28 -3.52 27.12 2.22
N THR I 29 -2.27 26.65 2.18
CA THR I 29 -1.21 27.21 3.00
C THR I 29 -0.05 27.78 2.20
N SER I 30 0.30 27.18 1.07
CA SER I 30 1.43 27.63 0.26
C SER I 30 0.94 28.21 -1.06
N PHE I 31 1.54 29.33 -1.46
CA PHE I 31 1.17 30.04 -2.68
C PHE I 31 2.43 30.42 -3.43
N PHE I 32 2.44 30.19 -4.75
CA PHE I 32 3.63 30.40 -5.56
C PHE I 32 3.29 31.21 -6.80
N TRP I 33 4.31 31.87 -7.34
CA TRP I 33 4.23 32.58 -8.61
C TRP I 33 5.30 32.03 -9.54
N TYR I 34 4.87 31.49 -10.67
CA TYR I 34 5.77 31.00 -11.70
C TYR I 34 5.65 31.86 -12.95
N ARG I 35 6.80 32.26 -13.51
CA ARG I 35 6.84 32.93 -14.79
C ARG I 35 7.34 31.98 -15.85
N GLN I 36 6.82 32.11 -17.07
CA GLN I 36 7.12 31.19 -18.16
C GLN I 36 7.22 31.99 -19.46
N TYR I 37 8.43 32.12 -19.99
CA TYR I 37 8.61 32.80 -21.26
C TYR I 37 8.07 31.92 -22.39
N SER I 38 7.82 32.56 -23.54
CA SER I 38 7.26 31.87 -24.69
C SER I 38 8.22 30.80 -25.18
N GLY I 39 7.84 29.52 -25.02
CA GLY I 39 8.67 28.42 -25.40
C GLY I 39 9.53 27.84 -24.29
N LYS I 40 9.85 28.64 -23.26
CA LYS I 40 10.70 28.19 -22.17
C LYS I 40 9.83 27.50 -21.11
N SER I 41 10.45 27.17 -19.96
CA SER I 41 9.78 26.47 -18.88
C SER I 41 9.45 27.40 -17.73
N PRO I 42 8.42 27.10 -16.94
CA PRO I 42 8.11 27.93 -15.78
C PRO I 42 9.17 27.80 -14.70
N GLU I 43 9.54 28.95 -14.11
CA GLU I 43 10.50 29.01 -13.04
C GLU I 43 9.90 29.72 -11.85
N LEU I 44 10.29 29.28 -10.65
CA LEU I 44 9.76 29.87 -9.42
C LEU I 44 10.43 31.22 -9.17
N ILE I 45 9.62 32.26 -9.01
CA ILE I 45 10.13 33.59 -8.77
C ILE I 45 9.70 34.17 -7.43
N MET I 46 8.63 33.66 -6.81
CA MET I 46 8.15 34.20 -5.55
C MET I 46 7.26 33.18 -4.89
N SER I 47 7.46 32.97 -3.58
CA SER I 47 6.62 32.10 -2.79
C SER I 47 6.26 32.81 -1.49
N ILE I 48 4.97 32.85 -1.17
CA ILE I 48 4.48 33.53 0.02
C ILE I 48 3.61 32.56 0.81
N TYR I 49 3.77 32.57 2.13
CA TYR I 49 3.05 31.66 3.01
C TYR I 49 2.20 32.35 4.06
N SER I 50 2.64 33.50 4.58
CA SER I 50 1.92 34.23 5.60
C SER I 50 1.06 35.32 4.98
N ASN I 51 -0.05 35.64 5.66
CA ASN I 51 -1.00 36.63 5.17
C ASN I 51 -0.37 38.02 5.20
N GLY I 52 -0.15 38.60 4.04
CA GLY I 52 0.44 39.93 3.95
C GLY I 52 1.20 40.09 2.65
N ASP I 53 2.19 40.97 2.68
CA ASP I 53 3.00 41.30 1.51
C ASP I 53 4.41 40.77 1.67
N LYS I 54 5.06 40.52 0.53
CA LYS I 54 6.44 40.03 0.50
C LYS I 54 7.11 40.56 -0.75
N GLU I 55 8.24 41.23 -0.58
CA GLU I 55 8.96 41.84 -1.68
C GLU I 55 10.33 41.20 -1.84
N ASP I 56 10.75 41.02 -3.09
CA ASP I 56 12.08 40.50 -3.40
C ASP I 56 12.46 41.04 -4.78
N GLY I 57 13.36 42.02 -4.80
CA GLY I 57 13.70 42.66 -6.06
C GLY I 57 12.57 43.56 -6.53
N ARG I 58 12.30 43.52 -7.83
CA ARG I 58 11.23 44.31 -8.43
C ARG I 58 9.88 43.60 -8.34
N PHE I 59 9.83 42.39 -7.82
CA PHE I 59 8.60 41.61 -7.73
C PHE I 59 7.98 41.77 -6.34
N THR I 60 6.66 41.85 -6.30
CA THR I 60 5.91 42.02 -5.06
C THR I 60 4.64 41.18 -5.12
N ALA I 61 4.54 40.21 -4.20
CA ALA I 61 3.38 39.34 -4.13
C ALA I 61 2.58 39.63 -2.86
N GLN I 62 1.26 39.72 -3.02
CA GLN I 62 0.35 40.01 -1.93
C GLN I 62 -0.57 38.83 -1.69
N LEU I 63 -0.89 38.57 -0.42
CA LEU I 63 -1.75 37.46 -0.03
C LEU I 63 -2.88 37.98 0.83
N ASN I 64 -4.10 37.52 0.54
CA ASN I 64 -5.29 37.88 1.32
C ASN I 64 -6.14 36.62 1.47
N LYS I 65 -5.97 35.92 2.59
CA LYS I 65 -6.73 34.70 2.83
C LYS I 65 -8.19 34.97 3.10
N ALA I 66 -8.55 36.19 3.51
CA ALA I 66 -9.96 36.52 3.74
C ALA I 66 -10.75 36.51 2.44
N SER I 67 -10.25 37.22 1.43
CA SER I 67 -10.89 37.23 0.11
C SER I 67 -10.43 36.08 -0.79
N GLN I 68 -9.44 35.31 -0.36
CA GLN I 68 -8.94 34.14 -1.08
C GLN I 68 -8.43 34.53 -2.48
N TYR I 69 -7.55 35.52 -2.53
CA TYR I 69 -6.95 35.93 -3.79
C TYR I 69 -5.49 36.30 -3.56
N VAL I 70 -4.66 35.96 -4.55
CA VAL I 70 -3.23 36.27 -4.54
C VAL I 70 -2.94 37.16 -5.74
N SER I 71 -2.18 38.23 -5.51
CA SER I 71 -1.81 39.16 -6.56
C SER I 71 -0.29 39.27 -6.66
N LEU I 72 0.17 39.82 -7.78
CA LEU I 72 1.59 40.01 -8.03
C LEU I 72 1.82 41.35 -8.68
N LEU I 73 2.72 42.14 -8.10
CA LEU I 73 3.05 43.48 -8.59
C LEU I 73 4.47 43.48 -9.12
N ILE I 74 4.65 44.01 -10.33
CA ILE I 74 5.96 44.12 -10.97
C ILE I 74 6.29 45.60 -11.07
N ARG I 75 7.24 46.05 -10.25
CA ARG I 75 7.67 47.44 -10.28
C ARG I 75 8.69 47.65 -11.40
N ASP I 76 8.53 48.76 -12.12
CA ASP I 76 9.42 49.14 -13.22
C ASP I 76 9.45 48.05 -14.30
N SER I 77 8.30 47.89 -14.93
CA SER I 77 8.15 46.87 -15.97
C SER I 77 9.16 47.09 -17.09
N GLN I 78 9.78 46.00 -17.51
CA GLN I 78 10.83 46.00 -18.53
C GLN I 78 10.48 44.99 -19.61
N PRO I 79 11.03 45.15 -20.82
CA PRO I 79 10.74 44.17 -21.88
C PRO I 79 11.22 42.76 -21.56
N SER I 80 12.15 42.61 -20.62
CA SER I 80 12.58 41.28 -20.20
C SER I 80 11.57 40.56 -19.32
N ASP I 81 10.51 41.25 -18.89
CA ASP I 81 9.47 40.66 -18.07
C ASP I 81 8.28 40.17 -18.88
N SER I 82 8.31 40.32 -20.20
CA SER I 82 7.19 39.93 -21.06
C SER I 82 7.12 38.41 -21.12
N ALA I 83 6.20 37.83 -20.36
CA ALA I 83 6.04 36.38 -20.29
C ALA I 83 4.66 36.07 -19.73
N THR I 84 4.34 34.78 -19.69
CA THR I 84 3.09 34.29 -19.11
C THR I 84 3.34 33.88 -17.67
N TYR I 85 2.62 34.50 -16.74
CA TYR I 85 2.81 34.27 -15.31
C TYR I 85 1.74 33.33 -14.79
N LEU I 86 2.17 32.23 -14.18
CA LEU I 86 1.26 31.21 -13.65
C LEU I 86 1.20 31.30 -12.13
N CYS I 87 -0.02 31.16 -11.60
CA CYS I 87 -0.26 31.22 -10.16
C CYS I 87 -0.59 29.80 -9.68
N ALA I 88 0.14 29.33 -8.69
CA ALA I 88 0.02 27.97 -8.19
C ALA I 88 -0.31 27.98 -6.70
N VAL I 89 -1.26 27.14 -6.31
CA VAL I 89 -1.73 27.03 -4.93
C VAL I 89 -1.73 25.56 -4.54
N THR I 90 -1.41 25.29 -3.27
CA THR I 90 -1.40 23.93 -2.77
C THR I 90 -1.78 23.92 -1.30
N THR I 91 -2.07 22.73 -0.79
CA THR I 91 -2.44 22.51 0.60
C THR I 91 -1.31 21.77 1.32
N ASP I 92 -1.46 21.61 2.63
CA ASP I 92 -0.45 20.96 3.44
C ASP I 92 -0.32 19.48 3.09
N ARG I 93 0.90 18.99 3.12
CA ARG I 93 1.22 17.57 2.95
C ARG I 93 0.77 17.02 1.61
N SER I 94 0.59 17.88 0.61
CA SER I 94 0.07 17.49 -0.68
C SER I 94 1.06 17.80 -1.79
N GLY I 95 1.08 16.94 -2.80
CA GLY I 95 1.87 17.15 -3.99
C GLY I 95 1.09 17.57 -5.21
N LYS I 96 -0.21 17.82 -5.09
CA LYS I 96 -1.07 18.20 -6.22
C LYS I 96 -1.10 19.72 -6.29
N LEU I 97 -0.20 20.29 -7.10
CA LEU I 97 -0.16 21.74 -7.30
C LEU I 97 -1.18 22.15 -8.36
N GLN I 98 -2.04 23.09 -8.01
CA GLN I 98 -3.09 23.57 -8.89
C GLN I 98 -2.62 24.85 -9.59
N PHE I 99 -2.47 24.78 -10.90
CA PHE I 99 -2.04 25.92 -11.70
C PHE I 99 -3.22 26.54 -12.42
N GLY I 100 -3.22 27.88 -12.50
CA GLY I 100 -4.23 28.59 -13.23
C GLY I 100 -3.98 28.58 -14.73
N ALA I 101 -4.89 29.24 -15.46
CA ALA I 101 -4.74 29.32 -16.91
C ALA I 101 -3.54 30.17 -17.32
N GLY I 102 -3.18 31.14 -16.50
CA GLY I 102 -2.05 31.99 -16.80
C GLY I 102 -2.47 33.31 -17.42
N THR I 103 -1.71 34.36 -17.13
CA THR I 103 -1.97 35.69 -17.65
C THR I 103 -0.75 36.15 -18.43
N GLN I 104 -0.93 36.40 -19.73
CA GLN I 104 0.17 36.85 -20.58
C GLN I 104 0.35 38.36 -20.46
N VAL I 105 1.58 38.79 -20.21
CA VAL I 105 1.91 40.21 -20.08
C VAL I 105 2.77 40.61 -21.26
N VAL I 106 2.42 41.74 -21.88
CA VAL I 106 3.12 42.27 -23.05
C VAL I 106 3.55 43.68 -22.72
N VAL I 107 4.84 43.87 -22.42
CA VAL I 107 5.40 45.18 -22.10
C VAL I 107 6.13 45.70 -23.32
N THR I 108 5.88 46.97 -23.66
CA THR I 108 6.53 47.59 -24.81
C THR I 108 7.61 48.56 -24.37
N GLY J 2 18.06 21.20 -13.99
CA GLY J 2 18.18 19.94 -13.27
C GLY J 2 17.37 18.81 -13.87
N VAL J 3 16.23 19.15 -14.47
CA VAL J 3 15.32 18.18 -15.08
C VAL J 3 15.53 18.20 -16.59
N THR J 4 15.54 17.01 -17.20
CA THR J 4 15.72 16.89 -18.63
C THR J 4 14.63 16.02 -19.22
N GLN J 5 14.18 16.38 -20.42
CA GLN J 5 13.22 15.59 -21.20
C GLN J 5 13.82 15.30 -22.56
N THR J 6 13.60 14.08 -23.05
CA THR J 6 14.22 13.63 -24.28
C THR J 6 13.57 14.20 -25.54
N PRO J 7 12.23 14.10 -25.74
CA PRO J 7 11.74 14.45 -27.09
C PRO J 7 11.44 15.94 -27.31
N LYS J 8 12.50 16.68 -27.63
CA LYS J 8 12.39 18.10 -27.91
C LYS J 8 11.80 18.29 -29.30
N PHE J 9 10.59 18.84 -29.37
CA PHE J 9 9.92 19.16 -30.63
C PHE J 9 9.70 17.89 -31.48
N GLN J 10 8.94 16.96 -30.93
CA GLN J 10 8.67 15.70 -31.61
C GLN J 10 7.25 15.67 -32.16
N VAL J 11 7.11 15.13 -33.37
CA VAL J 11 5.82 14.96 -34.03
C VAL J 11 5.47 13.48 -34.00
N LEU J 12 4.19 13.17 -33.86
CA LEU J 12 3.73 11.80 -33.72
C LEU J 12 2.67 11.49 -34.76
N LYS J 13 2.14 10.27 -34.68
CA LYS J 13 1.09 9.75 -35.55
C LYS J 13 -0.14 9.46 -34.71
N THR J 14 -1.14 8.82 -35.31
CA THR J 14 -2.40 8.55 -34.65
C THR J 14 -2.39 7.27 -33.81
N GLY J 15 -1.84 6.18 -34.34
CA GLY J 15 -1.91 4.88 -33.69
C GLY J 15 -0.57 4.49 -33.08
N GLN J 16 -0.61 4.12 -31.80
CA GLN J 16 0.54 3.55 -31.08
C GLN J 16 1.74 4.49 -31.13
N SER J 17 1.56 5.66 -30.50
CA SER J 17 2.56 6.71 -30.56
C SER J 17 3.70 6.44 -29.56
N MET J 18 4.69 7.32 -29.58
CA MET J 18 5.87 7.18 -28.74
C MET J 18 5.54 7.45 -27.27
N THR J 19 6.53 7.24 -26.41
CA THR J 19 6.40 7.46 -24.98
C THR J 19 7.42 8.51 -24.56
N LEU J 20 6.95 9.60 -23.97
CA LEU J 20 7.84 10.68 -23.54
C LEU J 20 8.57 10.30 -22.27
N GLN J 21 9.86 10.63 -22.21
CA GLN J 21 10.70 10.27 -21.08
C GLN J 21 11.07 11.51 -20.27
N CYS J 22 11.43 11.29 -19.02
CA CYS J 22 11.86 12.34 -18.11
C CYS J 22 12.83 11.76 -17.11
N ALA J 23 13.76 12.60 -16.65
CA ALA J 23 14.75 12.17 -15.68
C ALA J 23 15.25 13.40 -14.91
N GLN J 24 15.75 13.14 -13.70
CA GLN J 24 16.33 14.18 -12.88
C GLN J 24 17.44 13.59 -12.03
N ASP J 25 18.54 14.33 -11.88
CA ASP J 25 19.72 13.88 -11.15
C ASP J 25 19.80 14.53 -9.76
N MET J 26 18.67 14.84 -9.16
CA MET J 26 18.63 15.49 -7.86
C MET J 26 18.13 14.58 -6.74
N ASN J 27 17.87 13.31 -7.04
CA ASN J 27 17.38 12.34 -6.05
C ASN J 27 16.07 12.81 -5.43
N HIS J 28 15.15 13.24 -6.29
CA HIS J 28 13.83 13.70 -5.85
C HIS J 28 12.87 12.52 -5.73
N GLU J 29 12.00 12.58 -4.72
CA GLU J 29 11.00 11.54 -4.55
C GLU J 29 9.77 11.82 -5.42
N TYR J 30 9.25 13.04 -5.36
CA TYR J 30 8.03 13.39 -6.09
C TYR J 30 8.38 13.80 -7.50
N MET J 31 7.63 13.25 -8.47
CA MET J 31 7.74 13.64 -9.87
C MET J 31 6.34 13.65 -10.47
N ALA J 32 6.12 14.55 -11.43
CA ALA J 32 4.79 14.73 -11.99
C ALA J 32 4.88 15.09 -13.46
N TRP J 33 3.77 14.86 -14.16
CA TRP J 33 3.62 15.22 -15.57
C TRP J 33 2.44 16.17 -15.71
N TYR J 34 2.68 17.32 -16.34
CA TYR J 34 1.66 18.34 -16.55
C TYR J 34 1.40 18.54 -18.03
N ARG J 35 0.22 19.07 -18.33
CA ARG J 35 -0.18 19.42 -19.69
C ARG J 35 -0.54 20.89 -19.74
N GLN J 36 -0.02 21.61 -20.73
CA GLN J 36 -0.28 23.03 -20.90
C GLN J 36 -1.02 23.27 -22.21
N ASP J 37 -2.13 23.99 -22.12
CA ASP J 37 -2.93 24.37 -23.28
C ASP J 37 -3.33 25.83 -23.16
N PRO J 38 -3.31 26.58 -24.26
CA PRO J 38 -3.72 27.99 -24.21
C PRO J 38 -5.16 28.13 -23.74
N GLY J 39 -5.34 28.77 -22.60
CA GLY J 39 -6.66 28.97 -22.01
C GLY J 39 -6.94 28.09 -20.82
N MET J 40 -6.19 27.01 -20.64
CA MET J 40 -6.39 26.09 -19.52
C MET J 40 -5.24 26.09 -18.52
N GLY J 41 -4.01 26.28 -18.97
CA GLY J 41 -2.87 26.26 -18.09
C GLY J 41 -2.33 24.86 -17.86
N LEU J 42 -1.47 24.77 -16.86
CA LEU J 42 -0.87 23.48 -16.50
C LEU J 42 -1.92 22.57 -15.86
N ARG J 43 -2.10 21.40 -16.45
CA ARG J 43 -3.08 20.43 -15.97
C ARG J 43 -2.35 19.14 -15.63
N LEU J 44 -2.57 18.63 -14.41
CA LEU J 44 -1.83 17.48 -13.92
C LEU J 44 -2.34 16.20 -14.58
N ILE J 45 -1.41 15.40 -15.10
CA ILE J 45 -1.74 14.13 -15.74
C ILE J 45 -1.59 13.01 -14.73
N HIS J 46 -0.37 12.81 -14.23
CA HIS J 46 -0.10 11.81 -13.21
C HIS J 46 1.03 12.33 -12.32
N TYR J 47 1.25 11.63 -11.22
CA TYR J 47 2.31 11.99 -10.28
C TYR J 47 2.73 10.75 -9.51
N SER J 48 3.99 10.72 -9.10
CA SER J 48 4.55 9.62 -8.33
C SER J 48 5.26 10.18 -7.10
N VAL J 49 4.96 9.62 -5.94
CA VAL J 49 5.54 10.07 -4.68
C VAL J 49 6.69 9.18 -4.22
N GLY J 50 7.11 8.25 -5.06
CA GLY J 50 8.18 7.34 -4.68
C GLY J 50 8.35 6.27 -5.74
N VAL J 51 9.33 5.39 -5.48
CA VAL J 51 9.64 4.34 -6.43
C VAL J 51 8.51 3.33 -6.47
N GLY J 52 7.98 3.08 -7.66
CA GLY J 52 6.90 2.12 -7.82
C GLY J 52 5.58 2.56 -7.25
N ILE J 53 5.37 3.85 -7.05
CA ILE J 53 4.15 4.39 -6.44
C ILE J 53 3.63 5.46 -7.38
N THR J 54 2.75 5.08 -8.30
CA THR J 54 2.12 6.03 -9.21
C THR J 54 0.71 6.34 -8.75
N ASP J 55 0.21 7.49 -9.18
CA ASP J 55 -1.14 7.93 -8.81
C ASP J 55 -1.69 8.81 -9.91
N GLN J 56 -3.02 8.84 -10.00
CA GLN J 56 -3.70 9.57 -11.06
C GLN J 56 -3.93 11.03 -10.66
N GLY J 57 -3.87 11.91 -11.64
CA GLY J 57 -4.07 13.33 -11.42
C GLY J 57 -5.43 13.80 -11.89
N ASP J 58 -5.47 14.91 -12.62
CA ASP J 58 -6.72 15.47 -13.10
C ASP J 58 -7.15 14.88 -14.44
N VAL J 59 -6.21 14.58 -15.32
CA VAL J 59 -6.53 13.98 -16.61
C VAL J 59 -5.78 12.66 -16.75
N PRO J 60 -6.22 11.59 -16.09
CA PRO J 60 -5.56 10.29 -16.25
C PRO J 60 -6.09 9.44 -17.39
N ASP J 61 -7.25 9.80 -17.95
CA ASP J 61 -7.86 9.01 -19.01
C ASP J 61 -7.04 9.14 -20.28
N GLY J 62 -6.39 8.06 -20.70
CA GLY J 62 -5.60 8.04 -21.90
C GLY J 62 -4.10 8.06 -21.70
N TYR J 63 -3.62 7.91 -20.47
CA TYR J 63 -2.19 7.96 -20.19
C TYR J 63 -1.83 6.85 -19.20
N LYS J 64 -0.63 6.30 -19.37
CA LYS J 64 -0.06 5.34 -18.45
C LYS J 64 1.37 5.76 -18.14
N VAL J 65 1.72 5.75 -16.86
CA VAL J 65 3.03 6.21 -16.41
C VAL J 65 3.69 5.14 -15.56
N SER J 66 5.02 5.05 -15.66
CA SER J 66 5.80 4.07 -14.93
C SER J 66 6.86 4.79 -14.09
N ARG J 67 7.13 4.25 -12.90
CA ARG J 67 8.17 4.78 -12.01
C ARG J 67 8.96 3.59 -11.48
N SER J 68 10.00 3.19 -12.22
CA SER J 68 10.84 2.07 -11.82
C SER J 68 12.12 2.51 -11.12
N THR J 69 12.60 3.71 -11.40
CA THR J 69 13.78 4.25 -10.75
C THR J 69 13.46 5.62 -10.18
N THR J 70 14.29 6.06 -9.22
CA THR J 70 14.11 7.37 -8.63
C THR J 70 14.30 8.47 -9.67
N GLU J 71 15.15 8.26 -10.66
CA GLU J 71 15.48 9.29 -11.65
C GLU J 71 14.49 9.29 -12.81
N ASP J 72 14.27 8.16 -13.45
CA ASP J 72 13.46 8.11 -14.66
C ASP J 72 11.97 8.01 -14.31
N PHE J 73 11.17 8.81 -14.99
CA PHE J 73 9.71 8.83 -14.80
C PHE J 73 9.05 9.08 -16.15
N PRO J 74 9.01 8.05 -17.01
CA PRO J 74 8.54 8.26 -18.38
C PRO J 74 7.02 8.19 -18.50
N LEU J 75 6.48 9.04 -19.38
CA LEU J 75 5.04 9.11 -19.64
C LEU J 75 4.75 8.44 -20.98
N ARG J 76 3.93 7.40 -20.94
CA ARG J 76 3.61 6.61 -22.13
C ARG J 76 2.28 7.04 -22.73
N LEU J 77 2.14 6.82 -24.03
CA LEU J 77 0.92 7.14 -24.77
C LEU J 77 0.40 5.86 -25.43
N LEU J 78 -0.80 5.45 -25.05
CA LEU J 78 -1.40 4.25 -25.63
C LEU J 78 -1.78 4.48 -27.08
N SER J 79 -2.70 5.40 -27.32
CA SER J 79 -3.13 5.75 -28.67
C SER J 79 -3.36 7.25 -28.75
N ALA J 80 -2.79 7.89 -29.75
CA ALA J 80 -2.87 9.33 -29.87
C ALA J 80 -4.22 9.76 -30.41
N ALA J 81 -4.76 10.81 -29.82
CA ALA J 81 -6.02 11.44 -30.20
C ALA J 81 -5.76 12.90 -30.58
N PRO J 82 -6.67 13.52 -31.33
CA PRO J 82 -6.50 14.96 -31.61
C PRO J 82 -6.50 15.82 -30.36
N SER J 83 -6.98 15.31 -29.23
CA SER J 83 -6.92 16.03 -27.97
C SER J 83 -5.54 15.97 -27.31
N GLN J 84 -4.64 15.14 -27.82
CA GLN J 84 -3.30 15.00 -27.27
C GLN J 84 -2.35 16.11 -27.70
N THR J 85 -2.83 17.05 -28.52
CA THR J 85 -1.98 18.14 -29.01
C THR J 85 -1.79 19.16 -27.89
N SER J 86 -0.63 19.11 -27.23
CA SER J 86 -0.33 20.00 -26.13
C SER J 86 1.18 19.99 -25.90
N VAL J 87 1.61 20.73 -24.88
CA VAL J 87 3.01 20.76 -24.47
C VAL J 87 3.10 20.05 -23.13
N TYR J 88 3.89 18.98 -23.08
CA TYR J 88 4.02 18.14 -21.89
C TYR J 88 5.24 18.56 -21.09
N PHE J 89 5.03 18.86 -19.81
CA PHE J 89 6.10 19.25 -18.91
C PHE J 89 6.29 18.22 -17.81
N CYS J 90 7.52 18.10 -17.34
CA CYS J 90 7.89 17.21 -16.26
C CYS J 90 8.39 18.03 -15.07
N ALA J 91 7.94 17.68 -13.88
CA ALA J 91 8.29 18.42 -12.67
C ALA J 91 8.67 17.45 -11.57
N SER J 92 9.42 17.97 -10.59
CA SER J 92 9.83 17.16 -9.45
C SER J 92 10.15 18.09 -8.28
N ARG J 93 10.17 17.50 -7.09
CA ARG J 93 10.52 18.21 -5.87
C ARG J 93 11.11 17.21 -4.89
N PRO J 94 11.92 17.67 -3.93
CA PRO J 94 12.67 16.73 -3.08
C PRO J 94 11.84 15.60 -2.47
N GLY J 95 10.63 15.89 -2.01
CA GLY J 95 9.81 14.87 -1.39
C GLY J 95 8.33 15.14 -1.60
N ALA J 96 7.53 14.10 -1.36
CA ALA J 96 6.08 14.27 -1.45
C ALA J 96 5.56 15.18 -0.36
N ALA J 97 6.20 15.18 0.81
CA ALA J 97 5.83 16.06 1.89
C ALA J 97 7.03 16.23 2.82
N GLY J 98 6.93 17.23 3.70
CA GLY J 98 7.96 17.50 4.67
C GLY J 98 9.09 18.37 4.17
N GLY J 99 9.27 18.48 2.86
CA GLY J 99 10.31 19.31 2.29
C GLY J 99 9.75 20.60 1.72
N ARG J 100 10.61 21.31 0.99
CA ARG J 100 10.19 22.53 0.34
C ARG J 100 9.25 22.21 -0.80
N PRO J 101 8.02 22.75 -0.81
CA PRO J 101 7.04 22.39 -1.82
C PRO J 101 7.27 23.04 -3.19
N GLU J 102 8.39 23.73 -3.38
CA GLU J 102 8.69 24.33 -4.67
C GLU J 102 8.94 23.25 -5.71
N LEU J 103 8.51 23.50 -6.94
CA LEU J 103 8.58 22.53 -8.01
C LEU J 103 9.61 22.95 -9.06
N TYR J 104 10.39 21.98 -9.55
CA TYR J 104 11.40 22.21 -10.58
C TYR J 104 10.90 21.60 -11.89
N PHE J 105 10.81 22.43 -12.93
CA PHE J 105 10.26 22.00 -14.21
C PHE J 105 11.37 21.70 -15.21
N GLY J 106 11.08 20.79 -16.13
CA GLY J 106 12.00 20.42 -17.17
C GLY J 106 11.87 21.32 -18.38
N PRO J 107 12.63 21.02 -19.45
CA PRO J 107 12.60 21.89 -20.63
C PRO J 107 11.26 21.87 -21.36
N GLY J 108 10.49 20.79 -21.26
CA GLY J 108 9.21 20.68 -21.93
C GLY J 108 9.29 19.80 -23.16
N THR J 109 8.10 19.57 -23.75
CA THR J 109 7.98 18.73 -24.93
C THR J 109 6.77 19.19 -25.73
N ARG J 110 7.02 19.81 -26.88
CA ARG J 110 5.93 20.21 -27.76
C ARG J 110 5.51 19.03 -28.62
N LEU J 111 4.20 18.84 -28.76
CA LEU J 111 3.66 17.69 -29.47
C LEU J 111 2.40 18.10 -30.22
N THR J 112 2.30 17.67 -31.48
CA THR J 112 1.13 17.88 -32.30
C THR J 112 0.72 16.58 -32.96
N VAL J 113 -0.58 16.45 -33.23
CA VAL J 113 -1.12 15.25 -33.85
C VAL J 113 -1.85 15.60 -35.15
O1 MES K . 1.94 15.45 19.21
C2 MES K . 0.52 15.48 19.17
C3 MES K . 0.02 15.98 17.82
N4 MES K . 0.71 17.22 17.50
C5 MES K . 2.16 17.22 17.57
C6 MES K . 2.51 16.73 18.96
C7 MES K . 0.06 18.07 16.50
C8 MES K . 0.93 19.30 16.27
S MES K . 0.06 20.47 15.49
O1S MES K . -0.17 21.60 16.42
O2S MES K . -1.24 19.92 15.04
O3S MES K . 0.83 20.98 14.33
O1 MES L . 12.86 -18.06 -5.37
C2 MES L . 11.81 -18.67 -6.09
C3 MES L . 10.92 -19.51 -5.19
N4 MES L . 11.77 -20.38 -4.40
C5 MES L . 12.88 -19.77 -3.68
C6 MES L . 13.69 -19.02 -4.73
C7 MES L . 11.07 -21.48 -3.75
C8 MES L . 10.89 -21.06 -2.31
S MES L . 10.14 -22.28 -1.44
O1S MES L . 9.28 -23.09 -2.34
O2S MES L . 9.32 -21.67 -0.37
O3S MES L . 11.19 -23.12 -0.83
#